data_4G6G
#
_entry.id   4G6G
#
_cell.length_a   132.921
_cell.length_b   230.598
_cell.length_c   112.250
_cell.angle_alpha   90.00
_cell.angle_beta   90.00
_cell.angle_gamma   90.00
#
_symmetry.space_group_name_H-M   'C 2 2 21'
#
loop_
_entity.id
_entity.type
_entity.pdbx_description
1 polymer 'Rotenone-insensitive NADH-ubiquinone oxidoreductase, mitochondrial'
2 non-polymer 'FRAGMENT OF TRITON X-100'
3 non-polymer 'FLAVIN-ADENINE DINUCLEOTIDE'
4 non-polymer 'MAGNESIUM ION'
5 water water
#
_entity_poly.entity_id   1
_entity_poly.type   'polypeptide(L)'
_entity_poly.pdbx_seq_one_letter_code
;MRGSHHHHHHGSSTRSTGVENSGAGPTSFKTMKVIDPQHSDKPNVLILGSGWGAISFLKHIDTKKYNVSIISPRSYFLFT
PLLPSAPVGTVDEKSIIEPIVNFALKKKGNVTYYEAEATSINPDRNTVTIKSLSAVSQLYQPENHLGLHQAEPAEIKYDY
LISAVGAEPNTFGIPGVTDYGHFLKEIPNSLEIRRTFAANLEKANLLPKGDPERRRLLSIVVVGGGPTGVEAAGELQDYV
HQDLRKFLPALAEEVQIHLVEALPIVLNMFEKKLSSYAQSHLENTSIKVHLRTAVAKVEEKQLLAKTKHEDGKITEETIP
YGTLIWATGNKARPVITDLFKKIPEQNSSKRGLAVNDFLQVKGSNNIFAIGDNAFAGLPPTAQVAHQEAEYLAKNFDKMA
QIPNFQKNLSSRKDKIDLLFEENNFKPFKYNDLGALAYLGSERAIATIRSGKRTFYTGGGLMTFYLWRILYLSMILSARS
RLKVFFDWIKLAFFKRDFFKGL
;
_entity_poly.pdbx_strand_id   A,B
#
loop_
_chem_comp.id
_chem_comp.type
_chem_comp.name
_chem_comp.formula
FAD non-polymer 'FLAVIN-ADENINE DINUCLEOTIDE' 'C27 H33 N9 O15 P2'
MG non-polymer 'MAGNESIUM ION' 'Mg 2'
TRT non-polymer 'FRAGMENT OF TRITON X-100' 'C21 H36 O4'
#
# COMPACT_ATOMS: atom_id res chain seq x y z
N GLY A 25 19.82 -44.06 0.79
CA GLY A 25 20.95 -44.95 1.02
C GLY A 25 22.27 -44.20 1.05
N PRO A 26 23.35 -44.93 1.33
CA PRO A 26 24.69 -44.33 1.39
C PRO A 26 25.22 -43.98 0.00
N THR A 27 24.45 -44.31 -1.03
CA THR A 27 24.85 -44.04 -2.40
C THR A 27 24.24 -42.73 -2.90
N SER A 28 23.30 -42.19 -2.13
CA SER A 28 22.63 -40.95 -2.50
C SER A 28 23.61 -39.89 -2.98
N PHE A 29 23.16 -39.05 -3.92
CA PHE A 29 23.99 -37.98 -4.45
C PHE A 29 23.79 -36.71 -3.63
N LYS A 30 22.91 -36.79 -2.64
CA LYS A 30 22.63 -35.65 -1.77
C LYS A 30 23.74 -34.60 -1.87
N THR A 31 23.46 -33.50 -2.55
CA THR A 31 24.41 -32.41 -2.69
C THR A 31 23.77 -31.07 -2.36
N MET A 32 24.31 -30.39 -1.36
CA MET A 32 23.78 -29.10 -0.94
C MET A 32 24.80 -28.00 -1.12
N LYS A 33 24.42 -26.96 -1.84
CA LYS A 33 25.30 -25.80 -2.06
C LYS A 33 25.65 -25.17 -0.73
N VAL A 34 26.94 -24.96 -0.49
CA VAL A 34 27.41 -24.38 0.76
C VAL A 34 28.18 -23.08 0.52
N ILE A 35 27.69 -22.01 1.11
CA ILE A 35 28.35 -20.70 1.01
C ILE A 35 29.32 -20.50 2.15
N ASP A 36 30.61 -20.46 1.84
CA ASP A 36 31.64 -20.27 2.85
C ASP A 36 32.68 -19.25 2.42
N PRO A 37 32.37 -17.98 2.63
CA PRO A 37 33.28 -16.89 2.27
C PRO A 37 34.57 -16.92 3.09
N GLN A 38 35.69 -17.17 2.43
CA GLN A 38 36.98 -17.24 3.10
C GLN A 38 37.96 -16.25 2.49
N HIS A 39 37.44 -15.22 1.83
CA HIS A 39 38.27 -14.20 1.19
C HIS A 39 39.22 -13.56 2.20
N SER A 40 38.64 -12.81 3.15
CA SER A 40 39.41 -12.13 4.16
C SER A 40 39.55 -12.98 5.42
N ASP A 41 40.29 -12.46 6.40
CA ASP A 41 40.50 -13.18 7.66
C ASP A 41 39.39 -12.85 8.65
N LYS A 42 38.69 -11.75 8.42
CA LYS A 42 37.59 -11.35 9.29
C LYS A 42 36.62 -12.51 9.46
N PRO A 43 36.11 -12.68 10.67
CA PRO A 43 35.17 -13.78 10.94
C PRO A 43 33.81 -13.50 10.31
N ASN A 44 33.09 -14.55 9.95
CA ASN A 44 31.80 -14.39 9.34
C ASN A 44 30.74 -14.41 10.41
N VAL A 45 30.07 -13.28 10.57
CA VAL A 45 28.97 -13.17 11.53
C VAL A 45 27.66 -13.30 10.75
N LEU A 46 26.82 -14.26 11.16
CA LEU A 46 25.58 -14.52 10.43
C LEU A 46 24.40 -14.20 11.34
N ILE A 47 23.57 -13.25 10.90
CA ILE A 47 22.43 -12.80 11.68
C ILE A 47 21.17 -13.40 11.10
N LEU A 48 20.34 -13.98 11.97
CA LEU A 48 19.04 -14.51 11.53
C LEU A 48 17.92 -13.56 11.95
N GLY A 49 17.24 -12.99 10.95
CA GLY A 49 16.10 -12.13 11.19
C GLY A 49 16.32 -10.69 10.78
N SER A 50 15.25 -9.91 10.74
CA SER A 50 15.39 -8.50 10.43
C SER A 50 14.44 -7.66 11.30
N GLY A 51 14.36 -8.02 12.57
CA GLY A 51 13.48 -7.32 13.50
C GLY A 51 14.28 -6.57 14.53
N TRP A 52 13.70 -6.37 15.71
CA TRP A 52 14.34 -5.57 16.75
C TRP A 52 15.74 -6.06 17.09
N GLY A 53 15.87 -7.35 17.38
CA GLY A 53 17.17 -7.91 17.73
C GLY A 53 18.16 -7.78 16.60
N ALA A 54 17.80 -8.32 15.43
CA ALA A 54 18.75 -8.36 14.32
C ALA A 54 19.17 -6.97 13.87
N ILE A 55 18.22 -6.05 13.78
CA ILE A 55 18.52 -4.73 13.22
C ILE A 55 19.29 -3.88 14.20
N SER A 56 18.92 -3.93 15.47
CA SER A 56 19.67 -3.20 16.49
C SER A 56 21.10 -3.71 16.52
N PHE A 57 21.25 -5.02 16.40
CA PHE A 57 22.58 -5.61 16.35
C PHE A 57 23.35 -5.09 15.14
N LEU A 58 22.72 -5.13 13.97
CA LEU A 58 23.32 -4.69 12.72
C LEU A 58 23.79 -3.24 12.82
N LYS A 59 22.97 -2.40 13.43
CA LYS A 59 23.33 -0.99 13.62
C LYS A 59 24.64 -0.83 14.40
N HIS A 60 24.86 -1.71 15.38
CA HIS A 60 26.03 -1.56 16.26
C HIS A 60 27.25 -2.42 15.92
N ILE A 61 27.07 -3.47 15.11
CA ILE A 61 28.19 -4.39 14.83
C ILE A 61 29.28 -3.69 14.00
N ASP A 62 30.54 -3.96 14.32
CA ASP A 62 31.66 -3.35 13.57
C ASP A 62 31.96 -4.13 12.29
N THR A 63 31.50 -3.64 11.14
CA THR A 63 31.67 -4.37 9.89
C THR A 63 33.06 -4.20 9.28
N LYS A 64 33.93 -3.49 10.00
CA LYS A 64 35.34 -3.39 9.64
C LYS A 64 36.11 -4.56 10.21
N LYS A 65 35.60 -5.11 11.31
CA LYS A 65 36.25 -6.20 12.02
C LYS A 65 35.61 -7.53 11.68
N TYR A 66 34.34 -7.48 11.28
CA TYR A 66 33.57 -8.67 10.99
C TYR A 66 32.88 -8.57 9.64
N ASN A 67 32.78 -9.71 8.98
CA ASN A 67 31.97 -9.85 7.78
C ASN A 67 30.56 -10.23 8.19
N VAL A 68 29.57 -9.41 7.81
CA VAL A 68 28.20 -9.66 8.25
C VAL A 68 27.25 -10.10 7.14
N SER A 69 26.46 -11.13 7.42
CA SER A 69 25.43 -11.59 6.48
C SER A 69 24.14 -11.71 7.26
N ILE A 70 23.02 -11.50 6.59
CA ILE A 70 21.70 -11.53 7.24
C ILE A 70 20.78 -12.45 6.47
N ILE A 71 20.08 -13.33 7.19
CA ILE A 71 19.04 -14.15 6.59
C ILE A 71 17.69 -13.83 7.20
N SER A 72 16.77 -13.35 6.38
CA SER A 72 15.42 -13.08 6.84
C SER A 72 14.48 -13.08 5.65
N PRO A 73 13.30 -13.69 5.81
CA PRO A 73 12.29 -13.70 4.74
C PRO A 73 11.59 -12.34 4.60
N ARG A 74 11.83 -11.41 5.51
CA ARG A 74 11.22 -10.07 5.46
C ARG A 74 12.30 -9.05 5.13
N SER A 75 12.14 -8.36 4.01
CA SER A 75 13.23 -7.50 3.55
C SER A 75 13.28 -6.17 4.27
N TYR A 76 12.47 -6.02 5.32
CA TYR A 76 12.38 -4.75 6.03
C TYR A 76 12.26 -4.93 7.53
N PHE A 77 12.68 -3.90 8.27
CA PHE A 77 12.46 -3.83 9.71
C PHE A 77 11.07 -3.28 9.99
N LEU A 78 10.36 -3.89 10.94
CA LEU A 78 9.00 -3.47 11.30
C LEU A 78 9.00 -2.80 12.68
N PHE A 79 8.59 -1.55 12.74
CA PHE A 79 8.50 -0.88 14.03
C PHE A 79 7.21 -1.30 14.73
N THR A 80 7.26 -2.42 15.45
CA THR A 80 6.05 -3.04 16.01
C THR A 80 5.11 -2.15 16.85
N PRO A 81 5.65 -1.27 17.68
CA PRO A 81 4.72 -0.59 18.59
C PRO A 81 3.68 0.25 17.85
N LEU A 82 3.91 0.58 16.58
CA LEU A 82 2.91 1.32 15.81
C LEU A 82 2.07 0.43 14.87
N LEU A 83 2.30 -0.87 14.88
CA LEU A 83 1.51 -1.73 13.98
C LEU A 83 0.01 -1.64 14.30
N PRO A 84 -0.35 -1.55 15.59
CA PRO A 84 -1.77 -1.52 15.90
C PRO A 84 -2.50 -0.28 15.38
N SER A 85 -1.77 0.70 14.90
CA SER A 85 -2.45 1.87 14.37
C SER A 85 -2.40 1.90 12.85
N ALA A 86 -1.78 0.88 12.27
CA ALA A 86 -1.78 0.74 10.83
C ALA A 86 -3.12 0.29 10.23
N PRO A 87 -3.84 -0.65 10.88
CA PRO A 87 -5.02 -1.18 10.16
C PRO A 87 -6.01 -0.08 9.77
N VAL A 88 -6.18 0.94 10.60
CA VAL A 88 -7.15 2.02 10.35
C VAL A 88 -6.51 3.28 9.74
N GLY A 89 -5.23 3.23 9.41
CA GLY A 89 -4.60 4.36 8.72
C GLY A 89 -4.23 5.52 9.63
N THR A 90 -4.22 5.31 10.93
CA THR A 90 -3.69 6.34 11.81
C THR A 90 -2.26 6.61 11.37
N VAL A 91 -1.56 5.52 11.08
CA VAL A 91 -0.26 5.55 10.41
C VAL A 91 -0.32 4.54 9.25
N ASP A 92 0.37 4.86 8.15
CA ASP A 92 0.36 4.00 6.98
C ASP A 92 1.36 2.85 7.14
N GLU A 93 1.07 1.70 6.51
CA GLU A 93 1.96 0.53 6.60
C GLU A 93 3.40 0.88 6.23
N LYS A 94 3.59 1.69 5.19
CA LYS A 94 4.93 1.94 4.67
C LYS A 94 5.69 2.85 5.60
N SER A 95 4.94 3.63 6.37
CA SER A 95 5.55 4.61 7.28
C SER A 95 6.29 3.92 8.44
N ILE A 96 5.84 2.74 8.83
CA ILE A 96 6.44 2.06 9.98
C ILE A 96 7.42 0.94 9.62
N ILE A 97 7.69 0.73 8.35
CA ILE A 97 8.72 -0.24 7.97
C ILE A 97 9.91 0.45 7.31
N GLU A 98 11.06 -0.19 7.36
CA GLU A 98 12.28 0.36 6.77
C GLU A 98 13.10 -0.78 6.15
N PRO A 99 13.41 -0.69 4.85
CA PRO A 99 14.16 -1.75 4.15
C PRO A 99 15.51 -2.06 4.80
N ILE A 100 15.84 -3.36 4.95
CA ILE A 100 17.11 -3.78 5.56
C ILE A 100 18.29 -3.09 4.87
N VAL A 101 18.16 -2.95 3.56
CA VAL A 101 19.23 -2.41 2.74
C VAL A 101 19.60 -1.00 3.16
N ASN A 102 18.63 -0.24 3.66
CA ASN A 102 18.92 1.12 4.11
C ASN A 102 19.82 1.18 5.36
N PHE A 103 19.62 0.24 6.30
CA PHE A 103 20.52 0.13 7.45
C PHE A 103 21.87 -0.40 6.96
N ALA A 104 21.84 -1.32 6.00
CA ALA A 104 23.08 -1.96 5.54
C ALA A 104 23.99 -0.97 4.82
N LEU A 105 23.40 -0.01 4.11
CA LEU A 105 24.16 1.01 3.39
C LEU A 105 25.04 1.87 4.30
N LYS A 106 24.60 2.08 5.53
CA LYS A 106 25.32 2.92 6.48
C LYS A 106 26.53 2.21 7.10
N LYS A 107 26.70 0.93 6.79
CA LYS A 107 27.82 0.17 7.30
C LYS A 107 29.06 0.36 6.43
N LYS A 108 30.22 0.37 7.07
CA LYS A 108 31.46 0.64 6.35
C LYS A 108 32.00 -0.58 5.62
N GLY A 109 31.73 -1.77 6.15
CA GLY A 109 32.23 -2.99 5.55
C GLY A 109 31.26 -3.72 4.62
N ASN A 110 31.47 -5.02 4.47
CA ASN A 110 30.68 -5.83 3.56
C ASN A 110 29.49 -6.51 4.25
N VAL A 111 28.29 -6.12 3.83
CA VAL A 111 27.07 -6.73 4.34
C VAL A 111 26.32 -7.42 3.21
N THR A 112 25.91 -8.66 3.47
CA THR A 112 25.15 -9.42 2.49
C THR A 112 23.79 -9.76 3.07
N TYR A 113 22.73 -9.56 2.30
CA TYR A 113 21.39 -9.88 2.78
C TYR A 113 20.75 -10.98 1.96
N TYR A 114 20.49 -12.12 2.58
CA TYR A 114 19.78 -13.21 1.92
C TYR A 114 18.31 -13.10 2.25
N GLU A 115 17.47 -12.75 1.27
CA GLU A 115 16.05 -12.81 1.52
C GLU A 115 15.59 -14.24 1.37
N ALA A 116 15.49 -14.92 2.50
CA ALA A 116 15.18 -16.34 2.52
C ALA A 116 14.81 -16.71 3.93
N GLU A 117 14.37 -17.94 4.13
CA GLU A 117 13.99 -18.38 5.45
C GLU A 117 14.94 -19.44 6.01
N ALA A 118 15.48 -19.21 7.21
CA ALA A 118 16.27 -20.25 7.89
C ALA A 118 15.33 -21.38 8.31
N THR A 119 15.60 -22.59 7.82
CA THR A 119 14.74 -23.74 8.13
C THR A 119 15.41 -24.74 9.05
N SER A 120 16.75 -24.76 9.04
CA SER A 120 17.49 -25.60 9.96
C SER A 120 18.79 -24.94 10.41
N ILE A 121 19.01 -24.91 11.72
CA ILE A 121 20.28 -24.48 12.23
C ILE A 121 21.11 -25.73 12.49
N ASN A 122 22.27 -25.84 11.85
CA ASN A 122 23.09 -27.05 11.91
C ASN A 122 24.40 -26.78 12.67
N PRO A 123 24.34 -26.85 14.01
CA PRO A 123 25.39 -26.38 14.92
C PRO A 123 26.71 -27.13 14.79
N ASP A 124 26.64 -28.42 14.50
CA ASP A 124 27.86 -29.22 14.45
C ASP A 124 28.69 -29.01 13.19
N ARG A 125 28.09 -28.45 12.14
CA ARG A 125 28.90 -28.03 11.01
C ARG A 125 28.89 -26.53 10.74
N ASN A 126 28.38 -25.76 11.71
CA ASN A 126 28.38 -24.29 11.61
C ASN A 126 27.74 -23.78 10.33
N THR A 127 26.55 -24.27 10.03
CA THR A 127 25.85 -23.81 8.84
C THR A 127 24.37 -23.58 9.17
N VAL A 128 23.74 -22.72 8.40
CA VAL A 128 22.30 -22.56 8.45
C VAL A 128 21.68 -22.91 7.11
N THR A 129 20.66 -23.74 7.13
CA THR A 129 19.98 -24.10 5.89
C THR A 129 18.91 -23.07 5.56
N ILE A 130 18.92 -22.58 4.33
CA ILE A 130 17.90 -21.64 3.91
C ILE A 130 17.03 -22.23 2.80
N LYS A 131 15.79 -21.79 2.75
CA LYS A 131 14.87 -22.17 1.68
C LYS A 131 13.99 -20.98 1.33
N SER A 132 13.20 -21.10 0.25
CA SER A 132 12.38 -19.99 -0.22
C SER A 132 13.26 -18.78 -0.53
N LEU A 133 14.46 -19.04 -1.04
CA LEU A 133 15.35 -17.96 -1.46
C LEU A 133 14.72 -17.10 -2.56
N SER A 134 14.47 -15.83 -2.26
CA SER A 134 13.91 -14.91 -3.25
C SER A 134 14.97 -14.03 -3.89
N ALA A 135 15.95 -13.61 -3.09
CA ALA A 135 16.95 -12.64 -3.56
C ALA A 135 18.18 -12.70 -2.69
N VAL A 136 19.30 -12.24 -3.23
CA VAL A 136 20.53 -12.08 -2.45
C VAL A 136 21.15 -10.74 -2.80
N SER A 137 21.46 -9.93 -1.78
CA SER A 137 22.02 -8.60 -2.04
C SER A 137 23.37 -8.39 -1.39
N GLN A 138 24.38 -8.21 -2.22
CA GLN A 138 25.73 -8.00 -1.76
C GLN A 138 26.08 -6.55 -1.93
N LEU A 139 26.12 -5.83 -0.81
CA LEU A 139 26.35 -4.39 -0.84
C LEU A 139 27.85 -4.09 -0.79
N TYR A 140 28.58 -4.56 -1.78
CA TYR A 140 30.01 -4.34 -1.86
C TYR A 140 30.59 -4.71 -3.21
N GLN A 141 31.78 -4.20 -3.52
CA GLN A 141 32.34 -4.25 -4.87
C GLN A 141 32.59 -5.65 -5.47
N PRO A 142 33.47 -6.45 -4.86
CA PRO A 142 33.71 -7.78 -5.43
C PRO A 142 32.45 -8.45 -5.98
N GLU A 143 31.42 -8.53 -5.14
CA GLU A 143 30.19 -9.24 -5.47
C GLU A 143 30.43 -10.53 -6.25
N ASN A 144 31.36 -11.34 -5.75
CA ASN A 144 31.60 -12.67 -6.28
C ASN A 144 30.30 -13.41 -6.54
N HIS A 145 30.14 -13.98 -7.73
CA HIS A 145 28.93 -14.73 -8.06
C HIS A 145 28.83 -15.98 -7.21
N LEU A 146 27.73 -16.10 -6.48
CA LEU A 146 27.53 -17.18 -5.52
C LEU A 146 26.95 -18.44 -6.15
N GLY A 147 26.16 -18.27 -7.19
CA GLY A 147 25.56 -19.40 -7.88
C GLY A 147 24.41 -20.03 -7.13
N LEU A 148 23.55 -19.19 -6.55
CA LEU A 148 22.32 -19.66 -5.95
C LEU A 148 21.15 -19.47 -6.91
N HIS A 149 20.09 -20.24 -6.73
CA HIS A 149 18.89 -20.11 -7.54
C HIS A 149 17.70 -20.02 -6.61
N GLN A 150 16.65 -19.34 -7.04
CA GLN A 150 15.43 -19.27 -6.24
C GLN A 150 14.83 -20.64 -6.02
N ALA A 151 14.13 -20.82 -4.91
CA ALA A 151 13.55 -22.11 -4.60
C ALA A 151 14.56 -23.25 -4.76
N GLU A 152 15.82 -22.98 -4.41
CA GLU A 152 16.82 -24.02 -4.31
C GLU A 152 17.48 -23.90 -2.94
N PRO A 153 17.48 -24.99 -2.18
CA PRO A 153 18.02 -25.00 -0.82
C PRO A 153 19.50 -24.64 -0.81
N ALA A 154 19.99 -24.11 0.30
CA ALA A 154 21.42 -23.88 0.45
C ALA A 154 21.80 -23.83 1.92
N GLU A 155 23.09 -23.90 2.22
CA GLU A 155 23.58 -23.77 3.57
C GLU A 155 24.59 -22.64 3.64
N ILE A 156 24.36 -21.70 4.54
CA ILE A 156 25.28 -20.59 4.73
C ILE A 156 26.20 -20.90 5.91
N LYS A 157 27.51 -20.78 5.70
CA LYS A 157 28.46 -21.13 6.75
C LYS A 157 28.71 -19.91 7.62
N TYR A 158 29.01 -20.14 8.89
CA TYR A 158 29.23 -19.03 9.80
C TYR A 158 30.36 -19.33 10.78
N ASP A 159 31.03 -18.27 11.24
CA ASP A 159 31.96 -18.36 12.36
C ASP A 159 31.23 -18.00 13.65
N TYR A 160 30.32 -17.03 13.59
CA TYR A 160 29.41 -16.75 14.70
C TYR A 160 27.99 -16.63 14.17
N LEU A 161 27.04 -17.19 14.91
CA LEU A 161 25.64 -17.05 14.57
C LEU A 161 24.91 -16.19 15.61
N ILE A 162 24.14 -15.21 15.14
CA ILE A 162 23.27 -14.40 16.01
C ILE A 162 21.82 -14.70 15.67
N SER A 163 21.15 -15.47 16.52
CA SER A 163 19.78 -15.89 16.24
C SER A 163 18.73 -14.93 16.82
N ALA A 164 17.94 -14.33 15.93
CA ALA A 164 16.89 -13.39 16.32
C ALA A 164 15.66 -13.52 15.42
N VAL A 165 15.14 -14.72 15.29
CA VAL A 165 14.02 -14.96 14.37
C VAL A 165 12.68 -14.64 15.03
N GLY A 166 12.74 -14.28 16.30
CA GLY A 166 11.53 -13.90 17.04
C GLY A 166 10.67 -15.09 17.42
N ALA A 167 9.38 -14.84 17.54
CA ALA A 167 8.44 -15.87 17.93
C ALA A 167 7.20 -15.69 17.09
N GLU A 168 6.32 -16.69 17.07
CA GLU A 168 5.13 -16.61 16.23
C GLU A 168 3.86 -16.68 17.03
N PRO A 169 2.76 -16.22 16.44
CA PRO A 169 1.53 -16.14 17.23
C PRO A 169 1.08 -17.52 17.70
N ASN A 170 0.62 -17.55 18.95
CA ASN A 170 0.17 -18.76 19.59
C ASN A 170 -1.36 -18.79 19.69
N THR A 171 -1.99 -19.79 19.09
CA THR A 171 -3.44 -19.94 19.16
C THR A 171 -3.88 -20.68 20.42
N PHE A 172 -2.91 -21.24 21.15
CA PHE A 172 -3.18 -21.96 22.41
C PHE A 172 -4.02 -23.22 22.23
N GLY A 173 -4.11 -23.71 21.02
CA GLY A 173 -4.87 -24.91 20.73
C GLY A 173 -6.35 -24.63 20.52
N ILE A 174 -6.75 -23.37 20.69
CA ILE A 174 -8.13 -22.99 20.45
C ILE A 174 -8.47 -23.23 18.98
N PRO A 175 -9.54 -24.00 18.73
CA PRO A 175 -9.96 -24.28 17.35
C PRO A 175 -10.51 -23.03 16.65
N GLY A 176 -10.16 -22.87 15.37
CA GLY A 176 -10.75 -21.82 14.56
C GLY A 176 -10.01 -20.50 14.48
N VAL A 177 -9.14 -20.23 15.45
CA VAL A 177 -8.50 -18.93 15.47
C VAL A 177 -7.66 -18.69 14.22
N THR A 178 -6.93 -19.71 13.78
CA THR A 178 -6.13 -19.58 12.56
C THR A 178 -7.02 -19.36 11.34
N ASP A 179 -8.08 -20.16 11.25
CA ASP A 179 -8.97 -20.11 10.09
C ASP A 179 -9.84 -18.87 9.99
N TYR A 180 -10.28 -18.36 11.14
CA TYR A 180 -11.37 -17.40 11.16
C TYR A 180 -11.00 -16.05 11.75
N GLY A 181 -9.89 -15.99 12.46
CA GLY A 181 -9.41 -14.75 13.05
C GLY A 181 -8.21 -14.17 12.31
N HIS A 182 -7.71 -13.04 12.79
CA HIS A 182 -6.51 -12.44 12.24
C HIS A 182 -5.51 -12.10 13.35
N PHE A 183 -4.26 -12.52 13.18
CA PHE A 183 -3.22 -12.15 14.13
C PHE A 183 -2.88 -10.65 13.97
N LEU A 184 -2.10 -10.12 14.89
CA LEU A 184 -1.64 -8.75 14.74
C LEU A 184 -0.14 -8.77 14.98
N LYS A 185 0.59 -9.27 13.98
CA LYS A 185 2.01 -9.55 14.14
C LYS A 185 2.83 -8.93 13.01
N GLU A 186 2.31 -8.96 11.79
CA GLU A 186 3.09 -8.51 10.64
C GLU A 186 2.23 -7.61 9.77
N ILE A 187 2.89 -6.92 8.84
CA ILE A 187 2.20 -6.01 7.93
C ILE A 187 1.00 -6.62 7.21
N PRO A 188 1.15 -7.82 6.62
CA PRO A 188 -0.03 -8.39 5.96
C PRO A 188 -1.24 -8.50 6.91
N ASN A 189 -1.04 -8.68 8.21
CA ASN A 189 -2.17 -8.75 9.15
C ASN A 189 -2.92 -7.43 9.18
N SER A 190 -2.19 -6.34 9.10
CA SER A 190 -2.80 -5.01 9.06
C SER A 190 -3.73 -4.89 7.85
N LEU A 191 -3.24 -5.31 6.69
CA LEU A 191 -4.03 -5.28 5.46
C LEU A 191 -5.28 -6.16 5.56
N GLU A 192 -5.13 -7.37 6.09
CA GLU A 192 -6.25 -8.31 6.18
C GLU A 192 -7.32 -7.75 7.14
N ILE A 193 -6.89 -7.17 8.24
CA ILE A 193 -7.84 -6.65 9.21
C ILE A 193 -8.65 -5.50 8.60
N ARG A 194 -7.97 -4.59 7.93
CA ARG A 194 -8.65 -3.52 7.21
C ARG A 194 -9.66 -4.07 6.20
N ARG A 195 -9.26 -5.07 5.42
CA ARG A 195 -10.11 -5.58 4.34
C ARG A 195 -11.33 -6.32 4.89
N THR A 196 -11.13 -7.09 5.94
CA THR A 196 -12.25 -7.73 6.59
C THR A 196 -13.27 -6.71 7.12
N PHE A 197 -12.78 -5.74 7.87
CA PHE A 197 -13.67 -4.78 8.51
C PHE A 197 -14.35 -3.87 7.48
N ALA A 198 -13.58 -3.31 6.56
CA ALA A 198 -14.16 -2.52 5.48
C ALA A 198 -15.23 -3.29 4.70
N ALA A 199 -14.97 -4.55 4.38
CA ALA A 199 -15.97 -5.34 3.66
C ALA A 199 -17.21 -5.51 4.52
N ASN A 200 -17.01 -5.65 5.82
CA ASN A 200 -18.12 -5.84 6.74
C ASN A 200 -19.00 -4.60 6.85
N LEU A 201 -18.36 -3.43 6.86
CA LEU A 201 -19.09 -2.17 6.92
C LEU A 201 -19.99 -2.03 5.69
N GLU A 202 -19.47 -2.42 4.54
CA GLU A 202 -20.23 -2.33 3.30
C GLU A 202 -21.45 -3.25 3.31
N LYS A 203 -21.28 -4.50 3.70
CA LYS A 203 -22.42 -5.42 3.77
C LYS A 203 -23.42 -4.95 4.82
N ALA A 204 -22.91 -4.56 5.99
CA ALA A 204 -23.77 -4.15 7.09
C ALA A 204 -24.67 -3.01 6.67
N ASN A 205 -24.10 -2.03 5.97
CA ASN A 205 -24.85 -0.84 5.61
C ASN A 205 -25.97 -1.09 4.59
N LEU A 206 -25.86 -2.17 3.84
CA LEU A 206 -26.94 -2.57 2.94
C LEU A 206 -28.13 -3.19 3.69
N LEU A 207 -27.86 -3.73 4.88
CA LEU A 207 -28.88 -4.39 5.70
C LEU A 207 -29.73 -3.38 6.44
N PRO A 208 -31.01 -3.71 6.67
CA PRO A 208 -31.91 -2.80 7.39
C PRO A 208 -31.53 -2.70 8.85
N LYS A 209 -31.67 -1.52 9.46
CA LYS A 209 -31.43 -1.36 10.90
C LYS A 209 -32.24 -2.39 11.68
N GLY A 210 -31.62 -3.00 12.68
CA GLY A 210 -32.30 -3.99 13.50
C GLY A 210 -31.98 -5.43 13.12
N ASP A 211 -31.45 -5.62 11.92
CA ASP A 211 -31.07 -6.96 11.47
C ASP A 211 -29.90 -7.41 12.33
N PRO A 212 -30.02 -8.60 12.94
CA PRO A 212 -28.94 -9.16 13.77
C PRO A 212 -27.66 -9.45 13.00
N GLU A 213 -27.80 -9.77 11.71
CA GLU A 213 -26.65 -9.96 10.83
C GLU A 213 -25.87 -8.65 10.64
N ARG A 214 -26.59 -7.54 10.50
CA ARG A 214 -25.96 -6.22 10.44
C ARG A 214 -25.18 -5.96 11.72
N ARG A 215 -25.81 -6.25 12.85
CA ARG A 215 -25.17 -6.03 14.14
C ARG A 215 -23.95 -6.92 14.32
N ARG A 216 -24.00 -8.13 13.75
CA ARG A 216 -22.85 -9.03 13.81
C ARG A 216 -21.68 -8.47 12.99
N LEU A 217 -21.99 -8.03 11.77
CA LEU A 217 -20.98 -7.50 10.85
C LEU A 217 -20.25 -6.27 11.41
N LEU A 218 -20.92 -5.53 12.30
CA LEU A 218 -20.36 -4.33 12.89
C LEU A 218 -19.71 -4.67 14.23
N SER A 219 -19.46 -5.95 14.43
CA SER A 219 -19.00 -6.43 15.71
C SER A 219 -17.54 -6.86 15.63
N ILE A 220 -16.70 -6.35 16.53
CA ILE A 220 -15.28 -6.65 16.47
C ILE A 220 -14.83 -7.24 17.80
N VAL A 221 -14.07 -8.32 17.74
CA VAL A 221 -13.57 -8.90 18.96
C VAL A 221 -12.06 -8.87 18.94
N VAL A 222 -11.48 -8.26 19.96
CA VAL A 222 -10.04 -8.24 20.13
C VAL A 222 -9.70 -9.06 21.36
N VAL A 223 -8.90 -10.10 21.16
CA VAL A 223 -8.52 -10.99 22.25
C VAL A 223 -7.11 -10.66 22.69
N GLY A 224 -6.96 -10.29 23.97
CA GLY A 224 -5.66 -9.92 24.51
C GLY A 224 -5.71 -8.54 25.11
N GLY A 225 -5.55 -8.47 26.43
CA GLY A 225 -5.68 -7.22 27.18
C GLY A 225 -4.36 -6.52 27.45
N GLY A 226 -3.30 -6.98 26.78
CA GLY A 226 -2.02 -6.28 26.86
C GLY A 226 -2.10 -5.01 26.04
N PRO A 227 -1.01 -4.26 25.98
CA PRO A 227 -1.00 -2.98 25.24
C PRO A 227 -1.32 -3.15 23.75
N THR A 228 -1.00 -4.30 23.18
CA THR A 228 -1.27 -4.53 21.75
C THR A 228 -2.74 -4.65 21.43
N GLY A 229 -3.46 -5.48 22.20
CA GLY A 229 -4.89 -5.59 22.04
C GLY A 229 -5.60 -4.28 22.40
N VAL A 230 -5.18 -3.65 23.50
CA VAL A 230 -5.80 -2.40 23.92
C VAL A 230 -5.64 -1.32 22.87
N GLU A 231 -4.44 -1.18 22.32
CA GLU A 231 -4.22 -0.13 21.31
C GLU A 231 -4.97 -0.43 20.02
N ALA A 232 -5.10 -1.72 19.73
CA ALA A 232 -5.77 -2.14 18.49
C ALA A 232 -7.23 -1.74 18.59
N ALA A 233 -7.81 -2.00 19.75
CA ALA A 233 -9.21 -1.68 19.99
C ALA A 233 -9.41 -0.16 20.06
N GLY A 234 -8.47 0.54 20.69
CA GLY A 234 -8.54 1.99 20.79
C GLY A 234 -8.44 2.65 19.43
N GLU A 235 -7.53 2.16 18.59
CA GLU A 235 -7.39 2.70 17.25
C GLU A 235 -8.63 2.46 16.39
N LEU A 236 -9.17 1.24 16.45
CA LEU A 236 -10.41 0.96 15.73
C LEU A 236 -11.55 1.83 16.25
N GLN A 237 -11.63 2.02 17.56
CA GLN A 237 -12.69 2.89 18.11
C GLN A 237 -12.49 4.32 17.65
N ASP A 238 -11.24 4.77 17.52
CA ASP A 238 -10.94 6.10 16.97
C ASP A 238 -11.40 6.27 15.52
N TYR A 239 -11.13 5.27 14.69
CA TYR A 239 -11.55 5.33 13.29
C TYR A 239 -13.06 5.44 13.21
N VAL A 240 -13.74 4.58 13.95
CA VAL A 240 -15.19 4.57 13.97
C VAL A 240 -15.78 5.91 14.45
N HIS A 241 -15.30 6.42 15.57
CA HIS A 241 -15.84 7.63 16.18
C HIS A 241 -15.46 8.93 15.46
N GLN A 242 -14.22 9.01 14.97
CA GLN A 242 -13.73 10.24 14.34
C GLN A 242 -13.97 10.35 12.84
N ASP A 243 -13.90 9.23 12.12
CA ASP A 243 -13.91 9.27 10.66
C ASP A 243 -15.18 8.65 10.08
N LEU A 244 -15.40 7.36 10.37
CA LEU A 244 -16.61 6.69 9.91
C LEU A 244 -17.85 7.50 10.25
N ARG A 245 -17.92 8.00 11.48
CA ARG A 245 -19.12 8.71 11.95
C ARG A 245 -19.40 10.00 11.15
N LYS A 246 -18.37 10.59 10.56
CA LYS A 246 -18.53 11.77 9.72
C LYS A 246 -19.45 11.53 8.52
N PHE A 247 -19.39 10.35 7.92
CA PHE A 247 -20.22 10.10 6.75
C PHE A 247 -21.27 8.98 6.90
N LEU A 248 -21.11 8.16 7.93
CA LEU A 248 -22.10 7.13 8.24
C LEU A 248 -22.31 7.05 9.75
N PRO A 249 -23.00 8.04 10.31
CA PRO A 249 -23.14 8.11 11.77
C PRO A 249 -23.91 6.93 12.36
N ALA A 250 -24.95 6.47 11.67
CA ALA A 250 -25.82 5.42 12.20
C ALA A 250 -25.06 4.11 12.26
N LEU A 251 -24.38 3.81 11.16
CA LEU A 251 -23.47 2.68 11.10
C LEU A 251 -22.40 2.73 12.20
N ALA A 252 -21.78 3.88 12.36
CA ALA A 252 -20.72 4.06 13.35
C ALA A 252 -21.25 3.88 14.78
N GLU A 253 -22.49 4.28 15.00
CA GLU A 253 -23.09 4.14 16.33
C GLU A 253 -23.32 2.66 16.69
N GLU A 254 -23.57 1.85 15.67
CA GLU A 254 -23.87 0.45 15.86
C GLU A 254 -22.66 -0.47 16.05
N VAL A 255 -21.46 -0.02 15.69
CA VAL A 255 -20.33 -0.94 15.83
C VAL A 255 -20.04 -1.17 17.30
N GLN A 256 -19.71 -2.41 17.62
CA GLN A 256 -19.39 -2.76 18.98
C GLN A 256 -18.04 -3.44 18.98
N ILE A 257 -17.12 -2.91 19.76
CA ILE A 257 -15.79 -3.51 19.88
C ILE A 257 -15.72 -4.20 21.22
N HIS A 258 -15.20 -5.43 21.22
CA HIS A 258 -15.06 -6.21 22.44
C HIS A 258 -13.59 -6.46 22.73
N LEU A 259 -13.19 -6.28 23.98
CA LEU A 259 -11.82 -6.56 24.40
C LEU A 259 -11.92 -7.75 25.34
N VAL A 260 -11.33 -8.88 24.96
CA VAL A 260 -11.46 -10.08 25.76
C VAL A 260 -10.13 -10.41 26.42
N GLU A 261 -10.15 -10.54 27.75
CA GLU A 261 -8.91 -10.77 28.51
C GLU A 261 -9.09 -11.84 29.59
N ALA A 262 -8.17 -12.80 29.62
CA ALA A 262 -8.27 -13.96 30.50
C ALA A 262 -7.96 -13.66 31.97
N LEU A 263 -7.15 -12.62 32.20
CA LEU A 263 -6.85 -12.17 33.57
C LEU A 263 -7.92 -11.22 34.12
N PRO A 264 -7.86 -10.92 35.42
CA PRO A 264 -8.86 -10.05 36.08
C PRO A 264 -8.68 -8.57 35.78
N ILE A 265 -7.60 -8.18 35.13
CA ILE A 265 -7.36 -6.78 34.77
C ILE A 265 -6.65 -6.66 33.42
N VAL A 266 -6.87 -5.56 32.72
CA VAL A 266 -6.14 -5.32 31.48
C VAL A 266 -4.80 -4.67 31.81
N LEU A 267 -3.86 -4.72 30.88
CA LEU A 267 -2.60 -4.01 31.04
C LEU A 267 -1.95 -4.33 32.39
N ASN A 268 -1.83 -5.62 32.70
CA ASN A 268 -1.44 -6.03 34.05
C ASN A 268 0.02 -5.78 34.42
N MET A 269 0.81 -5.29 33.46
CA MET A 269 2.19 -4.95 33.74
C MET A 269 2.30 -3.54 34.34
N PHE A 270 1.16 -2.84 34.41
CA PHE A 270 1.15 -1.49 34.94
C PHE A 270 0.68 -1.48 36.37
N GLU A 271 0.93 -0.39 37.08
CA GLU A 271 0.25 -0.15 38.36
C GLU A 271 -1.23 -0.44 38.19
N LYS A 272 -1.84 -1.05 39.20
CA LYS A 272 -3.25 -1.45 39.14
C LYS A 272 -4.18 -0.25 38.91
N LYS A 273 -3.82 0.91 39.46
CA LYS A 273 -4.70 2.08 39.31
C LYS A 273 -4.72 2.60 37.89
N LEU A 274 -3.59 2.46 37.19
CA LEU A 274 -3.54 2.81 35.78
C LEU A 274 -4.37 1.83 34.93
N SER A 275 -4.28 0.55 35.27
CA SER A 275 -5.16 -0.47 34.66
C SER A 275 -6.64 -0.11 34.78
N SER A 276 -7.04 0.37 35.96
CA SER A 276 -8.44 0.75 36.21
C SER A 276 -8.83 2.01 35.43
N TYR A 277 -7.89 2.95 35.35
CA TYR A 277 -8.07 4.16 34.58
C TYR A 277 -8.28 3.75 33.12
N ALA A 278 -7.42 2.85 32.63
CA ALA A 278 -7.49 2.41 31.24
C ALA A 278 -8.81 1.72 30.91
N GLN A 279 -9.25 0.82 31.78
CA GLN A 279 -10.49 0.11 31.54
C GLN A 279 -11.68 1.05 31.52
N SER A 280 -11.72 1.99 32.47
CA SER A 280 -12.85 2.90 32.55
C SER A 280 -12.92 3.73 31.28
N HIS A 281 -11.76 4.20 30.82
CA HIS A 281 -11.69 5.02 29.61
C HIS A 281 -12.17 4.20 28.41
N LEU A 282 -11.63 2.99 28.26
CA LEU A 282 -12.05 2.11 27.17
C LEU A 282 -13.56 1.95 27.19
N GLU A 283 -14.10 1.66 28.37
CA GLU A 283 -15.55 1.52 28.49
C GLU A 283 -16.27 2.82 28.16
N ASN A 284 -15.66 3.96 28.51
CA ASN A 284 -16.21 5.27 28.12
C ASN A 284 -16.32 5.47 26.61
N THR A 285 -15.36 4.91 25.87
CA THR A 285 -15.34 5.11 24.44
C THR A 285 -16.31 4.13 23.80
N SER A 286 -16.97 3.35 24.64
CA SER A 286 -18.00 2.37 24.27
C SER A 286 -17.45 0.97 23.97
N ILE A 287 -16.17 0.76 24.27
CA ILE A 287 -15.57 -0.56 24.14
C ILE A 287 -16.09 -1.46 25.27
N LYS A 288 -16.42 -2.70 24.95
CA LYS A 288 -16.91 -3.62 25.98
C LYS A 288 -15.80 -4.54 26.42
N VAL A 289 -15.47 -4.49 27.71
CA VAL A 289 -14.34 -5.26 28.21
C VAL A 289 -14.81 -6.49 28.97
N HIS A 290 -14.38 -7.67 28.51
CA HIS A 290 -14.70 -8.92 29.19
C HIS A 290 -13.47 -9.47 29.92
N LEU A 291 -13.41 -9.27 31.23
CA LEU A 291 -12.29 -9.76 32.01
C LEU A 291 -12.53 -11.19 32.49
N ARG A 292 -11.46 -11.85 32.94
CA ARG A 292 -11.55 -13.25 33.39
C ARG A 292 -12.23 -14.13 32.36
N THR A 293 -12.03 -13.80 31.08
CA THR A 293 -12.75 -14.45 30.01
C THR A 293 -11.76 -15.03 29.01
N ALA A 294 -12.03 -16.26 28.58
CA ALA A 294 -11.15 -16.94 27.64
C ALA A 294 -11.99 -17.48 26.50
N VAL A 295 -11.41 -17.45 25.30
CA VAL A 295 -12.11 -17.98 24.13
C VAL A 295 -11.90 -19.49 24.03
N ALA A 296 -12.99 -20.24 24.08
CA ALA A 296 -12.89 -21.70 24.10
C ALA A 296 -12.88 -22.28 22.69
N LYS A 297 -13.62 -21.65 21.78
CA LYS A 297 -13.55 -22.04 20.37
C LYS A 297 -14.05 -20.92 19.47
N VAL A 298 -13.57 -20.94 18.23
CA VAL A 298 -13.93 -19.93 17.25
C VAL A 298 -14.51 -20.59 16.01
N GLU A 299 -15.73 -20.18 15.67
CA GLU A 299 -16.37 -20.61 14.43
C GLU A 299 -16.39 -19.41 13.51
N GLU A 300 -16.87 -19.59 12.29
CA GLU A 300 -16.75 -18.57 11.26
C GLU A 300 -17.48 -17.27 11.59
N LYS A 301 -18.68 -17.38 12.15
CA LYS A 301 -19.50 -16.20 12.42
C LYS A 301 -19.70 -15.97 13.92
N GLN A 302 -19.16 -16.85 14.76
CA GLN A 302 -19.31 -16.67 16.19
C GLN A 302 -18.21 -17.39 16.98
N LEU A 303 -18.07 -17.03 18.24
CA LEU A 303 -17.09 -17.67 19.11
C LEU A 303 -17.64 -17.91 20.51
N LEU A 304 -17.06 -18.87 21.20
CA LEU A 304 -17.50 -19.20 22.54
C LEU A 304 -16.54 -18.65 23.59
N ALA A 305 -17.07 -17.79 24.46
CA ALA A 305 -16.27 -17.18 25.51
C ALA A 305 -16.71 -17.70 26.87
N LYS A 306 -15.73 -18.09 27.69
CA LYS A 306 -16.02 -18.55 29.05
C LYS A 306 -15.39 -17.64 30.08
N THR A 307 -16.17 -17.32 31.10
CA THR A 307 -15.73 -16.44 32.17
C THR A 307 -15.62 -17.21 33.48
N LYS A 308 -14.43 -17.21 34.07
CA LYS A 308 -14.21 -17.83 35.36
C LYS A 308 -14.29 -16.76 36.43
N HIS A 309 -15.44 -16.68 37.08
CA HIS A 309 -15.68 -15.65 38.09
C HIS A 309 -14.87 -15.88 39.36
N GLU A 310 -14.78 -14.86 40.20
CA GLU A 310 -14.00 -14.97 41.42
C GLU A 310 -14.51 -16.10 42.32
N ASP A 311 -15.83 -16.16 42.51
CA ASP A 311 -16.44 -17.21 43.34
C ASP A 311 -16.12 -18.65 42.88
N GLY A 312 -15.82 -18.83 41.60
CA GLY A 312 -15.40 -20.12 41.09
C GLY A 312 -16.27 -20.73 39.99
N LYS A 313 -17.43 -20.11 39.75
CA LYS A 313 -18.39 -20.57 38.74
C LYS A 313 -17.97 -20.13 37.34
N ILE A 314 -18.42 -20.86 36.33
CA ILE A 314 -18.07 -20.57 34.96
C ILE A 314 -19.31 -20.28 34.14
N THR A 315 -19.33 -19.11 33.49
CA THR A 315 -20.40 -18.76 32.58
C THR A 315 -19.86 -18.78 31.17
N GLU A 316 -20.73 -19.03 30.20
CA GLU A 316 -20.32 -18.93 28.82
C GLU A 316 -21.26 -18.09 27.98
N GLU A 317 -20.69 -17.45 26.96
CA GLU A 317 -21.43 -16.57 26.08
C GLU A 317 -21.01 -16.82 24.65
N THR A 318 -21.99 -17.02 23.78
CA THR A 318 -21.72 -17.08 22.36
C THR A 318 -21.75 -15.65 21.85
N ILE A 319 -20.63 -15.23 21.25
CA ILE A 319 -20.51 -13.87 20.76
C ILE A 319 -20.38 -13.89 19.25
N PRO A 320 -21.42 -13.43 18.54
CA PRO A 320 -21.32 -13.25 17.09
C PRO A 320 -20.31 -12.14 16.80
N TYR A 321 -19.53 -12.27 15.74
CA TYR A 321 -18.52 -11.28 15.47
C TYR A 321 -18.30 -11.25 13.97
N GLY A 322 -17.88 -10.09 13.47
CA GLY A 322 -17.55 -9.94 12.06
C GLY A 322 -16.04 -9.92 11.86
N THR A 323 -15.32 -9.40 12.84
CA THR A 323 -13.86 -9.31 12.75
C THR A 323 -13.26 -9.78 14.06
N LEU A 324 -12.34 -10.74 13.97
CA LEU A 324 -11.67 -11.25 15.17
C LEU A 324 -10.18 -10.97 15.07
N ILE A 325 -9.65 -10.23 16.04
CA ILE A 325 -8.25 -9.91 16.09
C ILE A 325 -7.68 -10.63 17.29
N TRP A 326 -6.65 -11.43 17.05
CA TRP A 326 -6.11 -12.31 18.05
C TRP A 326 -4.75 -11.78 18.47
N ALA A 327 -4.71 -11.02 19.56
CA ALA A 327 -3.45 -10.47 20.04
C ALA A 327 -3.06 -11.02 21.40
N THR A 328 -2.63 -12.28 21.44
CA THR A 328 -2.28 -12.93 22.69
C THR A 328 -1.03 -13.80 22.59
N GLY A 329 0.06 -13.33 23.18
CA GLY A 329 1.29 -14.09 23.28
C GLY A 329 1.74 -14.81 22.02
N ASN A 330 2.94 -15.36 22.07
CA ASN A 330 3.51 -16.10 20.96
C ASN A 330 4.15 -17.41 21.41
N LYS A 331 4.82 -18.09 20.48
CA LYS A 331 5.50 -19.34 20.78
C LYS A 331 6.76 -19.50 19.93
N ALA A 332 7.62 -20.44 20.30
CA ALA A 332 8.85 -20.67 19.57
C ALA A 332 8.60 -21.13 18.13
N ARG A 333 9.37 -20.60 17.20
CA ARG A 333 9.30 -21.03 15.82
C ARG A 333 9.88 -22.44 15.67
N PRO A 334 9.41 -23.17 14.64
CA PRO A 334 9.86 -24.55 14.35
C PRO A 334 11.37 -24.66 14.20
N VAL A 335 12.00 -23.70 13.54
CA VAL A 335 13.44 -23.80 13.35
C VAL A 335 14.15 -23.71 14.70
N ILE A 336 13.47 -23.14 15.69
CA ILE A 336 14.05 -23.00 17.02
C ILE A 336 13.78 -24.27 17.84
N THR A 337 12.58 -24.82 17.73
CA THR A 337 12.27 -25.99 18.53
C THR A 337 13.01 -27.21 17.99
N ASP A 338 13.31 -27.19 16.69
CA ASP A 338 14.13 -28.24 16.08
C ASP A 338 15.53 -28.21 16.65
N LEU A 339 16.05 -27.00 16.84
CA LEU A 339 17.38 -26.82 17.42
C LEU A 339 17.46 -27.36 18.84
N PHE A 340 16.39 -27.18 19.63
CA PHE A 340 16.28 -27.78 20.95
C PHE A 340 16.78 -29.23 20.96
N LYS A 341 16.45 -29.98 19.91
CA LYS A 341 16.72 -31.41 19.90
C LYS A 341 18.15 -31.75 19.52
N LYS A 342 18.85 -30.82 18.90
CA LYS A 342 20.19 -31.07 18.38
C LYS A 342 21.26 -30.67 19.36
N ILE A 343 20.87 -29.92 20.38
CA ILE A 343 21.82 -29.51 21.41
C ILE A 343 21.39 -30.11 22.73
N PRO A 344 22.19 -31.05 23.27
CA PRO A 344 21.79 -31.77 24.48
C PRO A 344 21.37 -30.81 25.60
N GLU A 345 22.15 -29.75 25.85
CA GLU A 345 21.85 -28.77 26.90
C GLU A 345 20.53 -28.02 26.70
N GLN A 346 19.93 -28.19 25.54
CA GLN A 346 18.80 -27.38 25.12
C GLN A 346 17.52 -28.21 25.01
N ASN A 347 17.62 -29.50 25.29
CA ASN A 347 16.48 -30.41 25.16
C ASN A 347 15.30 -30.00 26.05
N SER A 348 15.61 -29.55 27.27
CA SER A 348 14.59 -29.14 28.22
C SER A 348 14.00 -27.74 27.95
N SER A 349 14.41 -27.11 26.85
CA SER A 349 13.84 -25.81 26.47
C SER A 349 12.44 -25.95 25.89
N LYS A 350 11.59 -24.97 26.16
CA LYS A 350 10.22 -24.98 25.67
C LYS A 350 9.82 -23.65 25.05
N ARG A 351 10.19 -22.55 25.69
CA ARG A 351 9.79 -21.22 25.24
C ARG A 351 10.78 -20.56 24.28
N GLY A 352 12.07 -20.76 24.53
CA GLY A 352 13.11 -20.15 23.71
C GLY A 352 14.45 -20.74 24.03
N LEU A 353 15.47 -20.38 23.27
CA LEU A 353 16.82 -20.87 23.54
C LEU A 353 17.32 -20.38 24.90
N ALA A 354 17.76 -21.30 25.74
CA ALA A 354 18.40 -20.97 27.01
C ALA A 354 19.79 -20.41 26.76
N VAL A 355 20.02 -19.20 27.26
CA VAL A 355 21.32 -18.55 27.10
C VAL A 355 21.98 -18.33 28.45
N ASN A 356 23.30 -18.15 28.45
CA ASN A 356 24.02 -17.81 29.65
C ASN A 356 24.13 -16.29 29.88
N ASP A 357 24.88 -15.88 30.89
CA ASP A 357 25.02 -14.47 31.22
C ASP A 357 25.51 -13.65 30.04
N PHE A 358 26.00 -14.32 29.01
CA PHE A 358 26.65 -13.62 27.91
C PHE A 358 25.86 -13.73 26.62
N LEU A 359 24.63 -14.26 26.73
CA LEU A 359 23.73 -14.40 25.59
C LEU A 359 24.19 -15.49 24.60
N GLN A 360 25.03 -16.39 25.08
CA GLN A 360 25.50 -17.52 24.32
C GLN A 360 24.51 -18.66 24.52
N VAL A 361 24.10 -19.32 23.44
CA VAL A 361 23.21 -20.45 23.58
C VAL A 361 23.92 -21.58 24.32
N LYS A 362 23.30 -22.09 25.39
CA LYS A 362 23.93 -23.12 26.19
C LYS A 362 24.12 -24.37 25.37
N GLY A 363 25.29 -25.01 25.50
CA GLY A 363 25.61 -26.15 24.69
C GLY A 363 26.30 -25.74 23.41
N SER A 364 26.45 -24.43 23.22
CA SER A 364 27.12 -23.90 22.04
C SER A 364 28.18 -22.86 22.41
N ASN A 365 29.25 -22.78 21.63
CA ASN A 365 30.24 -21.73 21.83
C ASN A 365 30.35 -20.80 20.62
N ASN A 366 29.33 -20.86 19.77
CA ASN A 366 29.37 -20.29 18.43
C ASN A 366 28.10 -19.47 18.19
N ILE A 367 27.03 -19.86 18.88
CA ILE A 367 25.69 -19.36 18.63
C ILE A 367 25.22 -18.49 19.77
N PHE A 368 24.80 -17.28 19.43
CA PHE A 368 24.22 -16.35 20.39
C PHE A 368 22.77 -16.13 20.01
N ALA A 369 21.91 -15.91 21.00
CA ALA A 369 20.49 -15.70 20.73
C ALA A 369 19.96 -14.49 21.50
N ILE A 370 19.21 -13.64 20.83
CA ILE A 370 18.63 -12.45 21.42
C ILE A 370 17.20 -12.28 20.94
N GLY A 371 16.38 -11.54 21.69
CA GLY A 371 15.01 -11.27 21.30
C GLY A 371 14.08 -12.35 21.81
N ASP A 372 12.89 -12.42 21.22
CA ASP A 372 11.88 -13.41 21.59
C ASP A 372 12.31 -14.87 21.37
N ASN A 373 13.32 -15.13 20.55
CA ASN A 373 13.73 -16.54 20.37
C ASN A 373 14.65 -17.05 21.48
N ALA A 374 15.02 -16.16 22.40
CA ALA A 374 15.81 -16.55 23.57
C ALA A 374 14.99 -16.46 24.83
N PHE A 375 15.33 -17.31 25.79
CA PHE A 375 14.75 -17.25 27.12
C PHE A 375 15.83 -17.02 28.16
N ALA A 376 15.76 -15.87 28.82
CA ALA A 376 16.73 -15.50 29.84
C ALA A 376 16.00 -14.95 31.07
N GLY A 377 14.72 -15.28 31.17
CA GLY A 377 13.88 -14.87 32.28
C GLY A 377 13.23 -13.51 32.09
N LEU A 378 13.66 -12.79 31.06
CA LEU A 378 13.16 -11.45 30.78
C LEU A 378 11.85 -11.49 29.99
N PRO A 379 11.09 -10.38 30.05
CA PRO A 379 9.84 -10.26 29.25
C PRO A 379 10.17 -10.26 27.76
N PRO A 380 9.19 -10.67 26.93
CA PRO A 380 9.41 -10.66 25.49
C PRO A 380 8.97 -9.31 24.89
N THR A 381 9.91 -8.36 24.86
CA THR A 381 9.62 -7.03 24.37
C THR A 381 10.75 -6.52 23.48
N ALA A 382 10.46 -5.49 22.71
CA ALA A 382 11.44 -4.89 21.82
C ALA A 382 12.48 -4.24 22.70
N GLN A 383 12.02 -3.77 23.84
CA GLN A 383 12.88 -3.12 24.79
C GLN A 383 14.02 -4.04 25.23
N VAL A 384 13.69 -5.28 25.57
CA VAL A 384 14.71 -6.24 25.94
C VAL A 384 15.57 -6.62 24.72
N ALA A 385 14.91 -6.84 23.58
CA ALA A 385 15.62 -7.26 22.38
C ALA A 385 16.64 -6.22 21.99
N HIS A 386 16.24 -4.95 22.03
CA HIS A 386 17.13 -3.86 21.65
C HIS A 386 18.34 -3.76 22.58
N GLN A 387 18.15 -3.94 23.88
CA GLN A 387 19.26 -3.88 24.81
C GLN A 387 20.21 -5.09 24.69
N GLU A 388 19.66 -6.27 24.49
CA GLU A 388 20.50 -7.45 24.29
C GLU A 388 21.42 -7.24 23.10
N ALA A 389 20.85 -6.67 22.05
CA ALA A 389 21.56 -6.46 20.80
C ALA A 389 22.73 -5.50 20.96
N GLU A 390 22.45 -4.35 21.54
CA GLU A 390 23.48 -3.34 21.72
C GLU A 390 24.56 -3.92 22.61
N TYR A 391 24.14 -4.69 23.60
CA TYR A 391 25.09 -5.31 24.53
C TYR A 391 25.98 -6.31 23.78
N LEU A 392 25.38 -7.16 22.96
CA LEU A 392 26.14 -8.21 22.30
C LEU A 392 27.12 -7.60 21.30
N ALA A 393 26.66 -6.58 20.59
CA ALA A 393 27.48 -5.94 19.58
C ALA A 393 28.71 -5.35 20.24
N LYS A 394 28.55 -4.81 21.44
CA LYS A 394 29.66 -4.24 22.19
C LYS A 394 30.64 -5.34 22.59
N ASN A 395 30.12 -6.48 23.02
CA ASN A 395 30.97 -7.63 23.28
C ASN A 395 31.78 -8.01 22.08
N PHE A 396 31.15 -7.95 20.89
CA PHE A 396 31.87 -8.25 19.66
C PHE A 396 32.99 -7.25 19.38
N ASP A 397 32.85 -6.03 19.89
CA ASP A 397 33.91 -5.03 19.81
C ASP A 397 35.10 -5.47 20.66
N LYS A 398 34.81 -5.99 21.86
CA LYS A 398 35.87 -6.46 22.76
C LYS A 398 36.56 -7.73 22.25
N MET A 399 35.77 -8.68 21.76
CA MET A 399 36.31 -9.93 21.23
C MET A 399 37.32 -9.68 20.11
N ALA A 400 37.08 -8.64 19.31
CA ALA A 400 37.92 -8.33 18.16
C ALA A 400 39.26 -7.70 18.56
N GLN A 401 39.43 -7.45 19.84
CA GLN A 401 40.68 -6.87 20.35
C GLN A 401 41.45 -7.92 21.15
N ILE A 402 40.81 -9.05 21.39
CA ILE A 402 41.41 -10.15 22.12
C ILE A 402 41.75 -11.28 21.15
N PRO A 403 43.03 -11.38 20.78
CA PRO A 403 43.57 -12.28 19.76
C PRO A 403 43.07 -13.72 19.89
N ASN A 404 42.91 -14.19 21.13
CA ASN A 404 42.51 -15.57 21.40
C ASN A 404 41.13 -15.93 20.85
N PHE A 405 40.17 -15.03 21.00
CA PHE A 405 38.81 -15.27 20.53
C PHE A 405 38.80 -15.72 19.08
N GLN A 406 39.48 -14.96 18.24
CA GLN A 406 39.72 -15.32 16.84
C GLN A 406 40.15 -16.79 16.75
N LYS A 415 35.75 -23.78 25.26
CA LYS A 415 36.67 -22.74 24.79
C LYS A 415 36.09 -21.34 25.03
N ILE A 416 35.28 -20.87 24.10
CA ILE A 416 34.76 -19.50 24.12
C ILE A 416 34.06 -19.05 25.42
N ASP A 417 33.21 -19.89 26.01
CA ASP A 417 32.49 -19.51 27.23
C ASP A 417 33.44 -19.14 28.38
N LEU A 418 34.59 -19.80 28.43
CA LEU A 418 35.61 -19.52 29.42
C LEU A 418 36.28 -18.17 29.14
N LEU A 419 36.57 -17.89 27.88
CA LEU A 419 37.21 -16.64 27.49
C LEU A 419 36.46 -15.45 28.08
N PHE A 420 35.15 -15.56 28.16
CA PHE A 420 34.31 -14.47 28.68
C PHE A 420 34.59 -14.22 30.15
N GLU A 421 34.49 -15.25 30.99
CA GLU A 421 34.85 -15.15 32.39
C GLU A 421 36.27 -14.60 32.53
N GLU A 422 37.20 -15.22 31.82
CA GLU A 422 38.63 -14.89 31.92
C GLU A 422 38.95 -13.44 31.60
N ASN A 423 38.34 -12.91 30.54
CA ASN A 423 38.62 -11.54 30.13
C ASN A 423 37.74 -10.50 30.79
N ASN A 424 37.06 -10.89 31.86
CA ASN A 424 36.27 -9.97 32.65
C ASN A 424 35.24 -9.20 31.82
N PHE A 425 34.53 -9.93 30.96
CA PHE A 425 33.34 -9.41 30.31
C PHE A 425 32.26 -9.37 31.38
N LYS A 426 31.38 -8.38 31.31
CA LYS A 426 30.30 -8.29 32.27
C LYS A 426 29.07 -8.98 31.70
N PRO A 427 28.31 -9.67 32.55
CA PRO A 427 27.04 -10.27 32.16
C PRO A 427 26.04 -9.24 31.64
N PHE A 428 25.08 -9.69 30.83
CA PHE A 428 24.08 -8.77 30.34
C PHE A 428 23.15 -8.39 31.48
N LYS A 429 22.85 -7.10 31.60
CA LYS A 429 21.98 -6.61 32.66
C LYS A 429 20.89 -5.73 32.07
N TYR A 430 19.67 -6.24 32.09
CA TYR A 430 18.53 -5.52 31.54
C TYR A 430 18.09 -4.39 32.46
N ASN A 431 17.91 -3.21 31.88
CA ASN A 431 17.39 -2.05 32.58
C ASN A 431 15.99 -1.71 32.11
N ASP A 432 14.98 -2.13 32.87
CA ASP A 432 13.59 -1.81 32.56
C ASP A 432 13.32 -0.30 32.52
N LEU A 433 13.07 0.21 31.31
CA LEU A 433 12.84 1.62 31.08
C LEU A 433 11.36 2.04 31.16
N GLY A 434 10.47 1.06 31.34
CA GLY A 434 9.06 1.37 31.53
C GLY A 434 8.10 0.85 30.46
N ALA A 435 6.92 1.47 30.37
CA ALA A 435 5.88 0.97 29.48
C ALA A 435 4.90 2.07 29.10
N LEU A 436 4.28 1.97 27.91
CA LEU A 436 3.24 2.91 27.48
C LEU A 436 2.07 2.18 26.84
N ALA A 437 0.88 2.75 26.91
CA ALA A 437 -0.24 2.19 26.20
C ALA A 437 -1.22 3.31 25.79
N TYR A 438 -1.53 3.38 24.50
CA TYR A 438 -2.51 4.32 23.98
C TYR A 438 -3.88 3.67 24.16
N LEU A 439 -4.88 4.47 24.49
CA LEU A 439 -6.17 3.91 24.90
C LEU A 439 -7.30 4.40 24.02
N GLY A 440 -6.96 5.07 22.92
CA GLY A 440 -7.96 5.68 22.07
C GLY A 440 -8.41 7.03 22.60
N SER A 441 -9.04 7.84 21.75
CA SER A 441 -9.48 9.19 22.13
C SER A 441 -8.42 10.02 22.87
N GLU A 442 -7.20 10.03 22.35
CA GLU A 442 -6.16 10.92 22.85
C GLU A 442 -5.78 10.75 24.33
N ARG A 443 -6.02 9.58 24.90
CA ARG A 443 -5.56 9.29 26.25
C ARG A 443 -4.53 8.16 26.23
N ALA A 444 -3.55 8.25 27.10
CA ALA A 444 -2.62 7.16 27.27
C ALA A 444 -2.28 6.99 28.74
N ILE A 445 -1.65 5.85 29.05
CA ILE A 445 -0.98 5.68 30.34
C ILE A 445 0.49 5.39 30.09
N ALA A 446 1.34 5.80 31.02
CA ALA A 446 2.76 5.60 30.83
C ALA A 446 3.48 5.56 32.16
N THR A 447 4.52 4.77 32.24
CA THR A 447 5.39 4.78 33.39
C THR A 447 6.81 4.70 32.86
N ILE A 448 7.59 5.75 33.08
CA ILE A 448 8.96 5.81 32.60
C ILE A 448 9.92 5.68 33.78
N ARG A 449 10.92 4.82 33.66
CA ARG A 449 11.84 4.60 34.77
C ARG A 449 13.22 4.21 34.31
N SER A 450 14.12 4.07 35.26
CA SER A 450 15.46 3.53 35.00
C SER A 450 16.01 3.13 36.34
N GLY A 451 16.47 1.90 36.46
CA GLY A 451 16.88 1.40 37.76
C GLY A 451 15.70 1.36 38.71
N LYS A 452 15.90 1.85 39.92
CA LYS A 452 14.83 1.86 40.91
C LYS A 452 14.04 3.17 40.87
N ARG A 453 14.45 4.07 39.97
CA ARG A 453 13.86 5.40 39.91
C ARG A 453 12.70 5.51 38.92
N THR A 454 11.57 6.05 39.38
CA THR A 454 10.45 6.33 38.50
C THR A 454 10.40 7.82 38.16
N PHE A 455 10.43 8.15 36.88
CA PHE A 455 10.51 9.54 36.45
C PHE A 455 9.18 10.08 35.99
N TYR A 456 8.26 9.18 35.70
CA TYR A 456 6.95 9.56 35.20
C TYR A 456 6.01 8.39 35.38
N THR A 457 4.82 8.64 35.89
CA THR A 457 3.83 7.57 36.02
C THR A 457 2.42 8.13 36.18
N GLY A 458 1.61 7.95 35.15
CA GLY A 458 0.25 8.44 35.21
C GLY A 458 -0.45 8.28 33.89
N GLY A 459 -1.63 8.90 33.77
CA GLY A 459 -2.42 8.76 32.56
C GLY A 459 -3.10 10.07 32.23
N GLY A 460 -3.57 10.19 30.98
CA GLY A 460 -4.29 11.36 30.56
C GLY A 460 -3.92 11.92 29.20
N LEU A 461 -4.36 13.15 28.96
CA LEU A 461 -4.14 13.88 27.71
C LEU A 461 -2.65 14.08 27.42
N MET A 462 -1.92 14.69 28.35
CA MET A 462 -0.50 14.95 28.16
C MET A 462 0.28 13.65 27.98
N THR A 463 -0.18 12.60 28.66
CA THR A 463 0.47 11.30 28.54
C THR A 463 0.38 10.81 27.08
N PHE A 464 -0.71 11.14 26.41
CA PHE A 464 -0.87 10.80 25.00
C PHE A 464 0.15 11.53 24.12
N TYR A 465 0.40 12.80 24.39
CA TYR A 465 1.43 13.54 23.66
C TYR A 465 2.80 12.96 23.95
N LEU A 466 2.99 12.49 25.18
CA LEU A 466 4.24 11.86 25.54
C LEU A 466 4.43 10.55 24.76
N TRP A 467 3.36 9.75 24.69
CA TRP A 467 3.32 8.52 23.92
C TRP A 467 3.80 8.77 22.50
N ARG A 468 3.25 9.79 21.85
CA ARG A 468 3.68 10.14 20.51
C ARG A 468 5.16 10.51 20.42
N ILE A 469 5.58 11.48 21.23
CA ILE A 469 6.99 11.91 21.23
C ILE A 469 7.97 10.74 21.49
N LEU A 470 7.68 9.93 22.51
CA LEU A 470 8.54 8.82 22.88
C LEU A 470 8.61 7.80 21.73
N TYR A 471 7.46 7.42 21.16
CA TYR A 471 7.47 6.45 20.07
C TYR A 471 8.21 6.97 18.83
N LEU A 472 8.00 8.23 18.50
CA LEU A 472 8.71 8.85 17.39
C LEU A 472 10.23 8.82 17.61
N SER A 473 10.64 8.93 18.87
CA SER A 473 12.05 8.95 19.22
C SER A 473 12.65 7.55 19.19
N MET A 474 11.83 6.54 19.42
CA MET A 474 12.30 5.15 19.45
C MET A 474 12.48 4.51 18.07
N ILE A 475 11.88 5.10 17.04
CA ILE A 475 11.99 4.60 15.66
C ILE A 475 13.44 4.60 15.17
N LEU A 476 13.84 3.53 14.47
CA LEU A 476 15.26 3.28 14.19
C LEU A 476 15.84 3.99 12.96
N SER A 477 14.99 4.66 12.19
CA SER A 477 15.46 5.30 10.95
C SER A 477 14.83 6.66 10.70
N ALA A 478 15.63 7.57 10.15
CA ALA A 478 15.17 8.92 9.89
C ALA A 478 13.95 8.94 8.95
N ARG A 479 14.01 8.13 7.90
CA ARG A 479 12.94 8.03 6.92
C ARG A 479 11.62 7.63 7.58
N SER A 480 11.64 6.52 8.33
CA SER A 480 10.43 6.05 8.99
C SER A 480 9.90 7.11 9.95
N ARG A 481 10.81 7.79 10.64
CA ARG A 481 10.45 8.82 11.61
C ARG A 481 9.74 9.99 10.92
N LEU A 482 10.25 10.41 9.77
CA LEU A 482 9.62 11.49 9.01
C LEU A 482 8.24 11.09 8.48
N LYS A 483 8.10 9.86 8.02
CA LYS A 483 6.83 9.39 7.47
C LYS A 483 5.75 9.27 8.53
N VAL A 484 6.10 8.75 9.69
CA VAL A 484 5.15 8.72 10.81
C VAL A 484 4.73 10.14 11.20
N PHE A 485 5.70 11.03 11.29
CA PHE A 485 5.44 12.44 11.58
C PHE A 485 4.47 13.07 10.55
N PHE A 486 4.75 12.91 9.26
CA PHE A 486 3.81 13.34 8.21
C PHE A 486 2.43 12.71 8.36
N ASP A 487 2.37 11.42 8.69
CA ASP A 487 1.08 10.76 8.89
C ASP A 487 0.27 11.43 10.01
N TRP A 488 0.93 11.72 11.12
CA TRP A 488 0.23 12.31 12.27
C TRP A 488 -0.21 13.75 11.93
N ILE A 489 0.56 14.42 11.08
CA ILE A 489 0.22 15.79 10.70
C ILE A 489 -1.00 15.81 9.79
N LYS A 490 -1.01 14.90 8.82
CA LYS A 490 -2.15 14.76 7.93
C LYS A 490 -3.40 14.46 8.76
N LEU A 491 -3.21 13.66 9.80
CA LEU A 491 -4.31 13.26 10.68
C LEU A 491 -4.99 14.45 11.35
N ALA A 492 -4.25 15.54 11.55
CA ALA A 492 -4.80 16.73 12.21
C ALA A 492 -5.74 17.51 11.29
N PHE A 493 -5.65 17.25 9.98
CA PHE A 493 -6.43 17.99 8.99
C PHE A 493 -7.45 17.14 8.25
N PHE A 494 -7.13 15.86 8.06
CA PHE A 494 -7.96 14.96 7.26
C PHE A 494 -8.27 13.63 7.95
N LYS A 495 -9.31 12.96 7.46
CA LYS A 495 -9.63 11.60 7.90
C LYS A 495 -8.53 10.61 7.51
N ARG A 496 -8.50 9.50 8.25
CA ARG A 496 -7.58 8.41 7.97
C ARG A 496 -7.89 7.78 6.61
N ASP A 497 -6.84 7.39 5.89
CA ASP A 497 -7.02 6.57 4.68
C ASP A 497 -7.49 5.18 5.09
N PHE A 498 -8.69 4.81 4.67
CA PHE A 498 -9.17 3.48 4.97
C PHE A 498 -9.61 2.74 3.69
N PHE A 499 -8.67 2.48 2.79
CA PHE A 499 -8.97 1.79 1.54
C PHE A 499 -8.99 0.27 1.69
N LYS A 500 -10.12 -0.33 1.31
CA LYS A 500 -10.34 -1.77 1.43
C LYS A 500 -9.19 -2.62 0.90
N GLY A 501 -8.67 -2.27 -0.28
CA GLY A 501 -7.63 -3.06 -0.90
C GLY A 501 -6.44 -2.24 -1.38
N LEU A 502 -5.78 -1.55 -0.46
CA LEU A 502 -4.64 -0.74 -0.81
C LEU A 502 -3.84 -0.39 0.44
N THR B 31 -38.25 -9.85 -12.68
CA THR B 31 -38.51 -8.67 -11.85
C THR B 31 -37.21 -7.99 -11.41
N MET B 32 -37.03 -6.75 -11.83
CA MET B 32 -35.84 -5.98 -11.51
C MET B 32 -36.16 -4.92 -10.46
N LYS B 33 -35.31 -4.81 -9.44
CA LYS B 33 -35.48 -3.75 -8.47
C LYS B 33 -35.24 -2.40 -9.15
N VAL B 34 -36.20 -1.49 -9.02
CA VAL B 34 -36.05 -0.14 -9.58
C VAL B 34 -36.00 0.92 -8.49
N ILE B 35 -34.84 1.58 -8.33
CA ILE B 35 -34.71 2.70 -7.41
C ILE B 35 -35.18 4.00 -8.09
N ASP B 36 -36.21 4.62 -7.53
CA ASP B 36 -36.80 5.84 -8.12
C ASP B 36 -37.26 6.83 -7.03
N PRO B 37 -36.34 7.69 -6.57
CA PRO B 37 -36.59 8.60 -5.43
C PRO B 37 -37.46 9.80 -5.80
N GLN B 38 -38.69 9.82 -5.31
CA GLN B 38 -39.59 10.94 -5.57
C GLN B 38 -40.07 11.65 -4.31
N HIS B 39 -39.21 11.64 -3.28
CA HIS B 39 -39.48 12.38 -2.06
C HIS B 39 -39.66 13.87 -2.35
N SER B 40 -38.67 14.49 -2.98
CA SER B 40 -38.76 15.90 -3.32
C SER B 40 -38.98 16.11 -4.81
N ASP B 41 -39.32 17.33 -5.20
CA ASP B 41 -39.53 17.65 -6.62
C ASP B 41 -38.20 17.96 -7.31
N LYS B 42 -37.14 18.09 -6.53
CA LYS B 42 -35.80 18.24 -7.08
C LYS B 42 -35.57 17.12 -8.08
N PRO B 43 -35.11 17.47 -9.30
CA PRO B 43 -34.85 16.44 -10.30
C PRO B 43 -33.70 15.55 -9.89
N ASN B 44 -33.73 14.29 -10.33
CA ASN B 44 -32.69 13.34 -9.99
C ASN B 44 -31.62 13.38 -11.06
N VAL B 45 -30.44 13.83 -10.67
CA VAL B 45 -29.30 13.85 -11.57
C VAL B 45 -28.43 12.63 -11.28
N LEU B 46 -28.21 11.79 -12.29
CA LEU B 46 -27.43 10.57 -12.10
C LEU B 46 -26.13 10.65 -12.86
N ILE B 47 -25.02 10.57 -12.13
CA ILE B 47 -23.68 10.68 -12.69
C ILE B 47 -23.06 9.30 -12.81
N LEU B 48 -22.53 8.98 -13.99
CA LEU B 48 -21.81 7.71 -14.16
C LEU B 48 -20.30 7.96 -14.16
N GLY B 49 -19.61 7.37 -13.20
CA GLY B 49 -18.16 7.49 -13.11
C GLY B 49 -17.68 8.26 -11.90
N SER B 50 -16.39 8.17 -11.61
CA SER B 50 -15.78 8.95 -10.55
C SER B 50 -14.41 9.44 -10.96
N GLY B 51 -14.29 9.87 -12.21
CA GLY B 51 -13.04 10.38 -12.74
C GLY B 51 -13.10 11.88 -12.98
N TRP B 52 -12.30 12.36 -13.91
CA TRP B 52 -12.20 13.79 -14.16
C TRP B 52 -13.56 14.45 -14.45
N GLY B 53 -14.31 13.86 -15.36
CA GLY B 53 -15.59 14.40 -15.74
C GLY B 53 -16.58 14.36 -14.58
N ALA B 54 -16.80 13.17 -14.03
CA ALA B 54 -17.80 13.00 -12.98
C ALA B 54 -17.48 13.82 -11.73
N ILE B 55 -16.22 13.89 -11.33
CA ILE B 55 -15.88 14.55 -10.08
C ILE B 55 -15.88 16.06 -10.25
N SER B 56 -15.34 16.55 -11.37
CA SER B 56 -15.36 17.98 -11.62
C SER B 56 -16.81 18.47 -11.66
N PHE B 57 -17.68 17.65 -12.25
CA PHE B 57 -19.10 17.95 -12.30
C PHE B 57 -19.70 17.98 -10.90
N LEU B 58 -19.39 16.94 -10.12
CA LEU B 58 -19.87 16.84 -8.75
C LEU B 58 -19.46 18.05 -7.93
N LYS B 59 -18.23 18.52 -8.15
CA LYS B 59 -17.76 19.69 -7.41
C LYS B 59 -18.60 20.93 -7.69
N HIS B 60 -19.09 21.08 -8.93
CA HIS B 60 -19.81 22.29 -9.32
C HIS B 60 -21.33 22.19 -9.33
N ILE B 61 -21.90 20.99 -9.28
CA ILE B 61 -23.37 20.85 -9.39
C ILE B 61 -24.06 21.38 -8.12
N ASP B 62 -25.18 22.05 -8.29
CA ASP B 62 -25.91 22.61 -7.14
C ASP B 62 -26.83 21.55 -6.50
N THR B 63 -26.36 20.96 -5.40
CA THR B 63 -27.15 19.89 -4.77
C THR B 63 -28.32 20.39 -3.94
N LYS B 64 -28.54 21.70 -3.96
CA LYS B 64 -29.72 22.31 -3.34
C LYS B 64 -30.87 22.31 -4.32
N LYS B 65 -30.53 22.32 -5.61
CA LYS B 65 -31.51 22.40 -6.68
C LYS B 65 -31.75 21.02 -7.28
N TYR B 66 -30.74 20.16 -7.17
CA TYR B 66 -30.79 18.82 -7.76
C TYR B 66 -30.43 17.74 -6.74
N ASN B 67 -31.08 16.59 -6.88
CA ASN B 67 -30.71 15.41 -6.13
C ASN B 67 -29.66 14.65 -6.93
N VAL B 68 -28.48 14.41 -6.35
CA VAL B 68 -27.39 13.81 -7.11
C VAL B 68 -27.06 12.40 -6.64
N SER B 69 -26.92 11.48 -7.59
CA SER B 69 -26.46 10.13 -7.30
C SER B 69 -25.29 9.79 -8.22
N ILE B 70 -24.39 8.93 -7.77
CA ILE B 70 -23.21 8.58 -8.54
C ILE B 70 -23.10 7.07 -8.61
N ILE B 71 -22.83 6.55 -9.80
CA ILE B 71 -22.53 5.14 -9.99
C ILE B 71 -21.12 4.97 -10.55
N SER B 72 -20.27 4.31 -9.80
CA SER B 72 -18.92 4.04 -10.26
C SER B 72 -18.35 2.86 -9.48
N PRO B 73 -17.64 1.95 -10.16
CA PRO B 73 -17.04 0.80 -9.49
C PRO B 73 -15.77 1.17 -8.73
N ARG B 74 -15.31 2.41 -8.88
CA ARG B 74 -14.09 2.90 -8.22
C ARG B 74 -14.51 3.94 -7.19
N SER B 75 -14.26 3.67 -5.92
CA SER B 75 -14.78 4.52 -4.87
C SER B 75 -13.97 5.80 -4.69
N TYR B 76 -13.02 6.05 -5.58
CA TYR B 76 -12.13 7.20 -5.46
C TYR B 76 -11.87 7.88 -6.80
N PHE B 77 -11.51 9.16 -6.74
CA PHE B 77 -11.03 9.90 -7.89
C PHE B 77 -9.54 9.68 -8.06
N LEU B 78 -9.10 9.46 -9.29
CA LEU B 78 -7.68 9.20 -9.57
C LEU B 78 -7.05 10.38 -10.32
N PHE B 79 -6.04 11.01 -9.74
CA PHE B 79 -5.38 12.10 -10.43
C PHE B 79 -4.42 11.54 -11.46
N THR B 80 -4.92 11.25 -12.65
CA THR B 80 -4.17 10.53 -13.67
C THR B 80 -2.77 11.06 -14.03
N PRO B 81 -2.61 12.40 -14.14
CA PRO B 81 -1.29 12.83 -14.61
C PRO B 81 -0.09 12.38 -13.73
N LEU B 82 -0.33 11.98 -12.49
CA LEU B 82 0.76 11.51 -11.63
C LEU B 82 0.79 10.00 -11.52
N LEU B 83 -0.09 9.31 -12.22
CA LEU B 83 -0.09 7.85 -12.16
C LEU B 83 1.25 7.27 -12.62
N PRO B 84 1.85 7.86 -13.69
CA PRO B 84 3.11 7.30 -14.18
C PRO B 84 4.27 7.40 -13.17
N SER B 85 4.11 8.17 -12.10
CA SER B 85 5.19 8.25 -11.12
C SER B 85 4.88 7.44 -9.87
N ALA B 86 3.72 6.80 -9.86
CA ALA B 86 3.37 5.88 -8.78
C ALA B 86 4.11 4.50 -8.83
N PRO B 87 4.33 3.89 -10.01
CA PRO B 87 4.95 2.55 -9.96
C PRO B 87 6.28 2.51 -9.20
N VAL B 88 7.10 3.54 -9.35
CA VAL B 88 8.39 3.56 -8.69
C VAL B 88 8.41 4.33 -7.35
N GLY B 89 7.24 4.74 -6.87
CA GLY B 89 7.18 5.46 -5.59
C GLY B 89 7.68 6.89 -5.58
N THR B 90 7.81 7.52 -6.73
CA THR B 90 8.11 8.94 -6.76
C THR B 90 6.99 9.65 -6.03
N VAL B 91 5.77 9.18 -6.29
CA VAL B 91 4.60 9.46 -5.48
C VAL B 91 4.03 8.11 -5.05
N ASP B 92 3.30 8.09 -3.95
CA ASP B 92 2.62 6.89 -3.48
C ASP B 92 1.21 6.76 -4.09
N GLU B 93 0.72 5.53 -4.27
CA GLU B 93 -0.62 5.34 -4.82
C GLU B 93 -1.69 6.10 -4.06
N LYS B 94 -1.63 6.05 -2.73
CA LYS B 94 -2.66 6.68 -1.92
C LYS B 94 -2.63 8.18 -2.04
N SER B 95 -1.46 8.72 -2.35
CA SER B 95 -1.28 10.17 -2.42
C SER B 95 -2.03 10.81 -3.60
N ILE B 96 -2.27 10.02 -4.65
CA ILE B 96 -2.89 10.57 -5.85
C ILE B 96 -4.35 10.18 -6.04
N ILE B 97 -4.93 9.47 -5.08
CA ILE B 97 -6.36 9.18 -5.13
C ILE B 97 -7.10 9.90 -4.00
N GLU B 98 -8.40 10.10 -4.16
CA GLU B 98 -9.21 10.79 -3.17
C GLU B 98 -10.61 10.19 -3.16
N PRO B 99 -11.05 9.66 -2.00
CA PRO B 99 -12.35 8.98 -1.92
C PRO B 99 -13.51 9.87 -2.40
N ILE B 100 -14.44 9.33 -3.17
CA ILE B 100 -15.61 10.09 -3.66
C ILE B 100 -16.32 10.75 -2.49
N VAL B 101 -16.44 10.00 -1.40
CA VAL B 101 -17.16 10.45 -0.24
C VAL B 101 -16.64 11.79 0.29
N ASN B 102 -15.34 12.04 0.14
CA ASN B 102 -14.78 13.30 0.62
C ASN B 102 -15.26 14.51 -0.18
N PHE B 103 -15.40 14.35 -1.50
CA PHE B 103 -16.01 15.41 -2.32
C PHE B 103 -17.50 15.54 -1.98
N ALA B 104 -18.13 14.41 -1.73
CA ALA B 104 -19.57 14.37 -1.47
C ALA B 104 -19.94 15.08 -0.18
N LEU B 105 -19.07 14.99 0.82
CA LEU B 105 -19.29 15.63 2.11
C LEU B 105 -19.39 17.15 2.02
N LYS B 106 -18.66 17.74 1.08
CA LYS B 106 -18.66 19.19 0.93
C LYS B 106 -19.91 19.73 0.22
N LYS B 107 -20.79 18.84 -0.20
CA LYS B 107 -22.06 19.24 -0.85
C LYS B 107 -23.12 19.52 0.19
N LYS B 108 -23.98 20.49 -0.10
CA LYS B 108 -24.97 20.93 0.87
C LYS B 108 -26.19 20.01 0.88
N GLY B 109 -26.48 19.42 -0.28
CA GLY B 109 -27.67 18.58 -0.42
C GLY B 109 -27.44 17.08 -0.26
N ASN B 110 -28.35 16.30 -0.82
CA ASN B 110 -28.29 14.85 -0.70
C ASN B 110 -27.54 14.17 -1.86
N VAL B 111 -26.40 13.56 -1.54
CA VAL B 111 -25.61 12.83 -2.52
C VAL B 111 -25.57 11.35 -2.16
N THR B 112 -25.86 10.49 -3.12
CA THR B 112 -25.83 9.06 -2.90
C THR B 112 -24.78 8.44 -3.82
N TYR B 113 -23.93 7.58 -3.28
CA TYR B 113 -22.91 6.93 -4.10
C TYR B 113 -23.11 5.43 -4.15
N TYR B 114 -23.41 4.92 -5.34
CA TYR B 114 -23.52 3.49 -5.55
C TYR B 114 -22.17 2.93 -6.03
N GLU B 115 -21.47 2.18 -5.20
CA GLU B 115 -20.27 1.52 -5.71
C GLU B 115 -20.67 0.28 -6.49
N ALA B 116 -20.73 0.44 -7.80
CA ALA B 116 -21.24 -0.59 -8.68
C ALA B 116 -20.88 -0.20 -10.09
N GLU B 117 -21.15 -1.10 -11.04
CA GLU B 117 -20.81 -0.84 -12.42
C GLU B 117 -22.06 -0.68 -13.27
N ALA B 118 -22.14 0.41 -14.03
CA ALA B 118 -23.22 0.57 -15.00
C ALA B 118 -22.99 -0.41 -16.13
N THR B 119 -23.96 -1.29 -16.38
CA THR B 119 -23.80 -2.28 -17.44
C THR B 119 -24.71 -2.01 -18.63
N SER B 120 -25.83 -1.34 -18.37
CA SER B 120 -26.72 -0.97 -19.46
C SER B 120 -27.39 0.39 -19.20
N ILE B 121 -27.30 1.27 -20.18
CA ILE B 121 -28.03 2.52 -20.12
C ILE B 121 -29.32 2.33 -20.93
N ASN B 122 -30.45 2.47 -20.26
CA ASN B 122 -31.76 2.17 -20.87
C ASN B 122 -32.57 3.47 -21.08
N PRO B 123 -32.26 4.19 -22.17
CA PRO B 123 -32.74 5.56 -22.45
C PRO B 123 -34.24 5.69 -22.49
N ASP B 124 -34.93 4.68 -23.01
CA ASP B 124 -36.37 4.80 -23.23
C ASP B 124 -37.17 4.68 -21.94
N ARG B 125 -36.57 4.15 -20.89
CA ARG B 125 -37.25 4.18 -19.60
C ARG B 125 -36.48 4.96 -18.52
N ASN B 126 -35.46 5.69 -18.95
CA ASN B 126 -34.72 6.58 -18.05
C ASN B 126 -34.18 5.83 -16.86
N THR B 127 -33.48 4.73 -17.12
CA THR B 127 -32.87 3.97 -16.04
C THR B 127 -31.49 3.50 -16.45
N VAL B 128 -30.65 3.27 -15.45
CA VAL B 128 -29.36 2.66 -15.67
C VAL B 128 -29.31 1.34 -14.90
N THR B 129 -28.91 0.27 -15.57
CA THR B 129 -28.76 -1.01 -14.89
C THR B 129 -27.38 -1.10 -14.24
N ILE B 130 -27.34 -1.49 -12.97
CA ILE B 130 -26.07 -1.69 -12.31
C ILE B 130 -25.88 -3.14 -11.87
N LYS B 131 -24.63 -3.58 -11.86
CA LYS B 131 -24.27 -4.91 -11.35
C LYS B 131 -22.97 -4.82 -10.55
N SER B 132 -22.57 -5.92 -9.92
CA SER B 132 -21.39 -5.93 -9.07
C SER B 132 -21.51 -4.88 -7.97
N LEU B 133 -22.73 -4.72 -7.47
CA LEU B 133 -22.99 -3.79 -6.39
C LEU B 133 -22.20 -4.20 -5.12
N SER B 134 -21.28 -3.35 -4.69
CA SER B 134 -20.50 -3.62 -3.47
C SER B 134 -21.02 -2.85 -2.25
N ALA B 135 -21.42 -1.60 -2.47
CA ALA B 135 -21.88 -0.76 -1.36
C ALA B 135 -22.78 0.36 -1.88
N VAL B 136 -23.58 0.93 -0.98
CA VAL B 136 -24.36 2.13 -1.27
C VAL B 136 -24.21 3.11 -0.14
N SER B 137 -23.82 4.34 -0.44
CA SER B 137 -23.63 5.33 0.62
C SER B 137 -24.53 6.55 0.46
N GLN B 138 -25.46 6.70 1.39
CA GLN B 138 -26.36 7.83 1.41
C GLN B 138 -25.86 8.83 2.45
N LEU B 139 -25.33 9.95 1.97
CA LEU B 139 -24.75 10.95 2.84
C LEU B 139 -25.81 11.97 3.25
N TYR B 140 -26.86 11.49 3.91
CA TYR B 140 -27.94 12.35 4.36
C TYR B 140 -28.88 11.67 5.34
N GLN B 141 -29.64 12.48 6.07
CA GLN B 141 -30.41 12.06 7.23
C GLN B 141 -31.42 10.92 6.98
N PRO B 142 -32.49 11.18 6.22
CA PRO B 142 -33.51 10.15 5.97
C PRO B 142 -32.92 8.76 5.78
N GLU B 143 -31.95 8.63 4.88
CA GLU B 143 -31.37 7.34 4.52
C GLU B 143 -32.39 6.21 4.44
N ASN B 144 -33.50 6.48 3.75
CA ASN B 144 -34.51 5.47 3.47
C ASN B 144 -33.88 4.16 3.02
N HIS B 145 -34.27 3.05 3.64
CA HIS B 145 -33.74 1.73 3.26
C HIS B 145 -34.17 1.37 1.85
N LEU B 146 -33.17 1.12 0.99
CA LEU B 146 -33.41 0.89 -0.43
C LEU B 146 -33.72 -0.58 -0.75
N GLY B 147 -33.17 -1.47 0.04
CA GLY B 147 -33.40 -2.89 -0.16
C GLY B 147 -32.64 -3.49 -1.33
N LEU B 148 -31.38 -3.10 -1.48
CA LEU B 148 -30.51 -3.68 -2.49
C LEU B 148 -29.62 -4.73 -1.82
N HIS B 149 -29.13 -5.69 -2.59
CA HIS B 149 -28.20 -6.70 -2.08
C HIS B 149 -26.99 -6.76 -3.00
N GLN B 150 -25.84 -7.12 -2.45
CA GLN B 150 -24.63 -7.26 -3.24
C GLN B 150 -24.84 -8.32 -4.32
N ALA B 151 -24.14 -8.16 -5.45
CA ALA B 151 -24.28 -9.11 -6.55
C ALA B 151 -25.76 -9.39 -6.88
N GLU B 152 -26.59 -8.35 -6.76
CA GLU B 152 -27.96 -8.42 -7.24
C GLU B 152 -28.21 -7.22 -8.13
N PRO B 153 -28.65 -7.47 -9.38
CA PRO B 153 -28.86 -6.43 -10.39
C PRO B 153 -29.91 -5.42 -9.93
N ALA B 154 -29.85 -4.21 -10.46
CA ALA B 154 -30.87 -3.22 -10.18
C ALA B 154 -30.84 -2.13 -11.22
N GLU B 155 -31.91 -1.34 -11.27
CA GLU B 155 -32.00 -0.22 -12.19
C GLU B 155 -32.21 1.07 -11.42
N ILE B 156 -31.32 2.04 -11.61
CA ILE B 156 -31.47 3.35 -10.99
C ILE B 156 -32.18 4.31 -11.95
N LYS B 157 -33.22 4.99 -11.46
CA LYS B 157 -34.01 5.87 -12.31
C LYS B 157 -33.39 7.26 -12.29
N TYR B 158 -33.54 7.99 -13.39
CA TYR B 158 -32.96 9.33 -13.46
C TYR B 158 -33.85 10.30 -14.21
N ASP B 159 -33.76 11.59 -13.86
CA ASP B 159 -34.39 12.65 -14.64
C ASP B 159 -33.35 13.23 -15.60
N TYR B 160 -32.09 13.29 -15.15
CA TYR B 160 -30.98 13.63 -16.05
C TYR B 160 -29.84 12.65 -15.83
N LEU B 161 -29.22 12.21 -16.92
CA LEU B 161 -28.03 11.35 -16.83
C LEU B 161 -26.78 12.09 -17.30
N ILE B 162 -25.71 12.03 -16.52
CA ILE B 162 -24.41 12.57 -16.92
C ILE B 162 -23.44 11.42 -17.10
N SER B 163 -23.15 11.06 -18.35
CA SER B 163 -22.29 9.91 -18.62
C SER B 163 -20.81 10.27 -18.72
N ALA B 164 -20.00 9.70 -17.83
CA ALA B 164 -18.57 9.99 -17.78
C ALA B 164 -17.78 8.77 -17.34
N VAL B 165 -18.05 7.62 -17.97
CA VAL B 165 -17.38 6.36 -17.62
C VAL B 165 -15.98 6.22 -18.23
N GLY B 166 -15.60 7.18 -19.08
CA GLY B 166 -14.26 7.23 -19.62
C GLY B 166 -14.10 6.25 -20.77
N ALA B 167 -12.87 5.82 -21.02
CA ALA B 167 -12.56 4.87 -22.07
C ALA B 167 -11.61 3.85 -21.49
N GLU B 168 -11.43 2.73 -22.17
CA GLU B 168 -10.58 1.68 -21.66
C GLU B 168 -9.40 1.39 -22.59
N PRO B 169 -8.36 0.76 -22.06
CA PRO B 169 -7.16 0.59 -22.88
C PRO B 169 -7.43 -0.21 -24.15
N ASN B 170 -6.78 0.20 -25.22
CA ASN B 170 -6.94 -0.43 -26.52
C ASN B 170 -5.67 -1.18 -26.92
N THR B 171 -5.78 -2.49 -27.06
CA THR B 171 -4.64 -3.30 -27.49
C THR B 171 -4.43 -3.24 -29.00
N PHE B 172 -5.40 -2.72 -29.74
CA PHE B 172 -5.34 -2.61 -31.21
C PHE B 172 -5.34 -3.94 -31.94
N GLY B 173 -5.79 -4.99 -31.27
CA GLY B 173 -5.82 -6.31 -31.87
C GLY B 173 -4.48 -7.02 -31.84
N ILE B 174 -3.46 -6.36 -31.27
CA ILE B 174 -2.15 -6.98 -31.11
C ILE B 174 -2.24 -8.17 -30.15
N PRO B 175 -1.82 -9.35 -30.60
CA PRO B 175 -1.89 -10.53 -29.73
C PRO B 175 -0.91 -10.42 -28.56
N GLY B 176 -1.33 -10.87 -27.38
CA GLY B 176 -0.45 -10.99 -26.24
C GLY B 176 -0.36 -9.80 -25.29
N VAL B 177 -0.75 -8.62 -25.76
CA VAL B 177 -0.64 -7.44 -24.91
C VAL B 177 -1.46 -7.56 -23.62
N THR B 178 -2.70 -8.04 -23.72
CA THR B 178 -3.51 -8.26 -22.53
C THR B 178 -2.86 -9.28 -21.58
N ASP B 179 -2.38 -10.39 -22.15
CA ASP B 179 -1.86 -11.50 -21.35
C ASP B 179 -0.50 -11.23 -20.73
N TYR B 180 0.34 -10.48 -21.41
CA TYR B 180 1.76 -10.46 -21.08
C TYR B 180 2.28 -9.08 -20.74
N GLY B 181 1.51 -8.05 -21.07
CA GLY B 181 1.87 -6.68 -20.76
C GLY B 181 1.05 -6.11 -19.60
N HIS B 182 1.33 -4.85 -19.28
CA HIS B 182 0.56 -4.13 -18.27
C HIS B 182 0.12 -2.78 -18.82
N PHE B 183 -1.18 -2.50 -18.72
CA PHE B 183 -1.67 -1.16 -19.05
C PHE B 183 -1.21 -0.16 -17.98
N LEU B 184 -1.35 1.14 -18.27
CA LEU B 184 -1.04 2.15 -17.27
C LEU B 184 -2.26 3.07 -17.21
N LYS B 185 -3.33 2.57 -16.61
CA LYS B 185 -4.58 3.32 -16.59
C LYS B 185 -5.15 3.45 -15.19
N GLU B 186 -4.95 2.44 -14.35
CA GLU B 186 -5.54 2.48 -13.01
C GLU B 186 -4.55 2.07 -11.93
N ILE B 187 -4.90 2.35 -10.68
CA ILE B 187 -4.02 2.08 -9.55
C ILE B 187 -3.50 0.63 -9.54
N PRO B 188 -4.37 -0.37 -9.68
CA PRO B 188 -3.83 -1.73 -9.74
C PRO B 188 -2.71 -1.92 -10.78
N ASN B 189 -2.70 -1.17 -11.88
CA ASN B 189 -1.63 -1.30 -12.88
C ASN B 189 -0.31 -0.84 -12.31
N SER B 190 -0.35 0.19 -11.48
CA SER B 190 0.84 0.67 -10.81
C SER B 190 1.45 -0.41 -9.95
N LEU B 191 0.61 -1.09 -9.18
CA LEU B 191 1.06 -2.18 -8.31
C LEU B 191 1.64 -3.34 -9.11
N GLU B 192 0.97 -3.72 -10.20
CA GLU B 192 1.40 -4.85 -11.02
C GLU B 192 2.75 -4.54 -11.67
N ILE B 193 2.93 -3.29 -12.11
CA ILE B 193 4.15 -2.93 -12.79
C ILE B 193 5.31 -3.01 -11.81
N ARG B 194 5.10 -2.49 -10.60
CA ARG B 194 6.14 -2.54 -9.58
C ARG B 194 6.49 -3.99 -9.23
N ARG B 195 5.47 -4.83 -9.09
CA ARG B 195 5.72 -6.21 -8.67
C ARG B 195 6.45 -7.02 -9.75
N THR B 196 6.09 -6.78 -11.00
CA THR B 196 6.77 -7.44 -12.10
C THR B 196 8.24 -7.02 -12.14
N PHE B 197 8.49 -5.71 -12.12
CA PHE B 197 9.85 -5.23 -12.25
C PHE B 197 10.71 -5.61 -11.04
N ALA B 198 10.18 -5.45 -9.83
CA ALA B 198 10.90 -5.82 -8.62
C ALA B 198 11.27 -7.29 -8.63
N ALA B 199 10.32 -8.14 -9.02
CA ALA B 199 10.58 -9.58 -9.10
C ALA B 199 11.65 -9.86 -10.12
N ASN B 200 11.63 -9.11 -11.22
CA ASN B 200 12.65 -9.27 -12.26
C ASN B 200 14.05 -8.90 -11.78
N LEU B 201 14.15 -7.81 -11.03
CA LEU B 201 15.43 -7.38 -10.50
C LEU B 201 16.01 -8.46 -9.60
N GLU B 202 15.15 -9.12 -8.84
CA GLU B 202 15.59 -10.13 -7.92
C GLU B 202 16.13 -11.37 -8.64
N LYS B 203 15.38 -11.91 -9.59
CA LYS B 203 15.87 -13.02 -10.42
C LYS B 203 17.13 -12.63 -11.20
N ALA B 204 17.14 -11.45 -11.81
CA ALA B 204 18.26 -11.02 -12.61
C ALA B 204 19.53 -11.03 -11.77
N ASN B 205 19.44 -10.51 -10.55
CA ASN B 205 20.64 -10.36 -9.74
C ASN B 205 21.27 -11.69 -9.28
N LEU B 206 20.47 -12.74 -9.24
CA LEU B 206 20.96 -14.06 -8.94
C LEU B 206 21.76 -14.67 -10.12
N LEU B 207 21.48 -14.19 -11.32
CA LEU B 207 22.11 -14.68 -12.54
C LEU B 207 23.50 -14.07 -12.72
N PRO B 208 24.43 -14.83 -13.32
CA PRO B 208 25.79 -14.33 -13.55
C PRO B 208 25.79 -13.24 -14.61
N LYS B 209 26.67 -12.24 -14.47
CA LYS B 209 26.79 -11.19 -15.48
C LYS B 209 27.07 -11.83 -16.84
N GLY B 210 26.40 -11.32 -17.86
CA GLY B 210 26.61 -11.84 -19.20
C GLY B 210 25.52 -12.79 -19.65
N ASP B 211 24.77 -13.32 -18.69
CA ASP B 211 23.65 -14.19 -19.03
C ASP B 211 22.58 -13.36 -19.77
N PRO B 212 22.17 -13.84 -20.95
CA PRO B 212 21.14 -13.13 -21.74
C PRO B 212 19.77 -13.08 -21.04
N GLU B 213 19.48 -14.10 -20.23
CA GLU B 213 18.26 -14.09 -19.41
C GLU B 213 18.30 -12.97 -18.37
N ARG B 214 19.48 -12.73 -17.81
CA ARG B 214 19.66 -11.63 -16.87
C ARG B 214 19.43 -10.29 -17.58
N ARG B 215 19.92 -10.18 -18.81
CA ARG B 215 19.74 -8.95 -19.57
C ARG B 215 18.29 -8.77 -19.99
N ARG B 216 17.59 -9.87 -20.26
CA ARG B 216 16.18 -9.80 -20.58
C ARG B 216 15.36 -9.28 -19.39
N LEU B 217 15.63 -9.84 -18.21
CA LEU B 217 14.89 -9.51 -16.99
C LEU B 217 15.05 -8.04 -16.59
N LEU B 218 16.16 -7.43 -17.01
CA LEU B 218 16.44 -6.03 -16.74
C LEU B 218 15.99 -5.14 -17.91
N SER B 219 15.11 -5.69 -18.73
CA SER B 219 14.71 -5.03 -19.96
C SER B 219 13.26 -4.57 -19.83
N ILE B 220 13.01 -3.30 -20.11
CA ILE B 220 11.65 -2.79 -19.98
C ILE B 220 11.24 -2.17 -21.30
N VAL B 221 10.04 -2.49 -21.74
CA VAL B 221 9.53 -1.87 -22.95
C VAL B 221 8.30 -1.05 -22.63
N VAL B 222 8.36 0.23 -22.98
CA VAL B 222 7.20 1.09 -22.86
C VAL B 222 6.72 1.43 -24.26
N VAL B 223 5.46 1.08 -24.55
CA VAL B 223 4.85 1.37 -25.85
C VAL B 223 3.95 2.59 -25.76
N GLY B 224 4.29 3.63 -26.50
CA GLY B 224 3.51 4.86 -26.47
C GLY B 224 4.42 6.04 -26.23
N GLY B 225 4.53 6.93 -27.20
CA GLY B 225 5.47 8.03 -27.09
C GLY B 225 4.80 9.32 -26.69
N GLY B 226 3.59 9.23 -26.19
CA GLY B 226 2.89 10.40 -25.68
C GLY B 226 3.47 10.72 -24.32
N PRO B 227 2.95 11.75 -23.65
CA PRO B 227 3.46 12.11 -22.33
C PRO B 227 3.37 10.98 -21.31
N THR B 228 2.36 10.14 -21.40
CA THR B 228 2.20 9.04 -20.44
C THR B 228 3.34 8.01 -20.54
N GLY B 229 3.61 7.55 -21.76
CA GLY B 229 4.70 6.59 -21.98
C GLY B 229 6.04 7.22 -21.67
N VAL B 230 6.26 8.45 -22.11
CA VAL B 230 7.50 9.16 -21.82
C VAL B 230 7.76 9.32 -20.34
N GLU B 231 6.74 9.71 -19.58
CA GLU B 231 6.91 9.96 -18.15
C GLU B 231 7.10 8.66 -17.40
N ALA B 232 6.43 7.60 -17.88
CA ALA B 232 6.57 6.28 -17.28
C ALA B 232 8.02 5.83 -17.42
N ALA B 233 8.59 6.02 -18.61
CA ALA B 233 9.95 5.61 -18.87
C ALA B 233 10.94 6.50 -18.10
N GLY B 234 10.64 7.78 -18.01
CA GLY B 234 11.54 8.68 -17.30
C GLY B 234 11.53 8.39 -15.80
N GLU B 235 10.36 8.03 -15.28
CA GLU B 235 10.24 7.73 -13.87
C GLU B 235 11.00 6.44 -13.54
N LEU B 236 10.83 5.42 -14.37
CA LEU B 236 11.56 4.17 -14.19
C LEU B 236 13.07 4.40 -14.32
N GLN B 237 13.49 5.14 -15.33
CA GLN B 237 14.90 5.52 -15.43
C GLN B 237 15.41 6.26 -14.19
N ASP B 238 14.59 7.13 -13.58
CA ASP B 238 14.96 7.86 -12.35
C ASP B 238 15.14 6.90 -11.16
N TYR B 239 14.21 5.97 -10.98
CA TYR B 239 14.35 4.98 -9.94
C TYR B 239 15.68 4.21 -10.10
N VAL B 240 15.93 3.73 -11.31
CA VAL B 240 17.12 2.94 -11.60
C VAL B 240 18.40 3.74 -11.32
N HIS B 241 18.47 4.97 -11.82
CA HIS B 241 19.70 5.76 -11.73
C HIS B 241 19.91 6.37 -10.34
N GLN B 242 18.85 6.80 -9.70
CA GLN B 242 18.95 7.50 -8.41
C GLN B 242 18.95 6.59 -7.19
N ASP B 243 18.17 5.51 -7.22
CA ASP B 243 17.92 4.70 -6.04
C ASP B 243 18.55 3.31 -6.17
N LEU B 244 18.14 2.57 -7.20
CA LEU B 244 18.66 1.23 -7.42
C LEU B 244 20.17 1.26 -7.43
N ARG B 245 20.74 2.21 -8.16
CA ARG B 245 22.18 2.28 -8.35
C ARG B 245 22.96 2.51 -7.04
N LYS B 246 22.28 3.08 -6.04
CA LYS B 246 22.90 3.28 -4.73
C LYS B 246 23.31 1.98 -4.07
N PHE B 247 22.53 0.92 -4.24
CA PHE B 247 22.86 -0.35 -3.60
C PHE B 247 23.15 -1.53 -4.54
N LEU B 248 22.84 -1.38 -5.82
CA LEU B 248 23.14 -2.42 -6.81
C LEU B 248 23.55 -1.77 -8.13
N PRO B 249 24.70 -1.10 -8.13
CA PRO B 249 25.13 -0.30 -9.30
C PRO B 249 25.27 -1.13 -10.57
N ALA B 250 25.77 -2.36 -10.47
CA ALA B 250 26.01 -3.19 -11.66
C ALA B 250 24.70 -3.59 -12.30
N LEU B 251 23.78 -4.05 -11.46
CA LEU B 251 22.42 -4.29 -11.91
C LEU B 251 21.80 -3.06 -12.55
N ALA B 252 21.95 -1.90 -11.91
CA ALA B 252 21.33 -0.67 -12.41
C ALA B 252 21.89 -0.28 -13.76
N GLU B 253 23.16 -0.58 -13.95
CA GLU B 253 23.83 -0.21 -15.18
C GLU B 253 23.31 -1.05 -16.35
N GLU B 254 22.89 -2.27 -16.06
CA GLU B 254 22.44 -3.19 -17.11
C GLU B 254 21.00 -3.03 -17.52
N VAL B 255 20.17 -2.32 -16.75
CA VAL B 255 18.77 -2.22 -17.17
C VAL B 255 18.68 -1.40 -18.44
N GLN B 256 17.81 -1.81 -19.32
CA GLN B 256 17.61 -1.08 -20.55
C GLN B 256 16.12 -0.79 -20.67
N ILE B 257 15.79 0.47 -20.82
CA ILE B 257 14.40 0.86 -21.02
C ILE B 257 14.22 1.26 -22.48
N HIS B 258 13.15 0.77 -23.07
CA HIS B 258 12.85 1.02 -24.48
C HIS B 258 11.55 1.79 -24.63
N LEU B 259 11.57 2.85 -25.42
CA LEU B 259 10.38 3.64 -25.68
C LEU B 259 9.97 3.42 -27.13
N VAL B 260 8.83 2.76 -27.34
CA VAL B 260 8.43 2.39 -28.69
C VAL B 260 7.28 3.28 -29.15
N GLU B 261 7.47 3.94 -30.28
CA GLU B 261 6.49 4.87 -30.80
C GLU B 261 6.25 4.71 -32.30
N ALA B 262 4.98 4.61 -32.70
CA ALA B 262 4.62 4.32 -34.09
C ALA B 262 4.83 5.49 -35.03
N LEU B 263 4.75 6.70 -34.49
CA LEU B 263 4.98 7.93 -35.26
C LEU B 263 6.47 8.29 -35.38
N PRO B 264 6.80 9.25 -36.25
CA PRO B 264 8.20 9.63 -36.47
C PRO B 264 8.80 10.47 -35.35
N ILE B 265 7.98 10.92 -34.40
CA ILE B 265 8.46 11.72 -33.29
C ILE B 265 7.71 11.39 -32.00
N VAL B 266 8.36 11.56 -30.86
CA VAL B 266 7.65 11.45 -29.59
C VAL B 266 6.96 12.77 -29.23
N LEU B 267 5.97 12.68 -28.35
CA LEU B 267 5.32 13.89 -27.86
C LEU B 267 4.89 14.79 -29.01
N ASN B 268 4.13 14.24 -29.95
CA ASN B 268 3.84 14.94 -31.20
C ASN B 268 2.82 16.08 -31.08
N MET B 269 2.25 16.26 -29.90
CA MET B 269 1.34 17.39 -29.70
C MET B 269 2.13 18.67 -29.37
N PHE B 270 3.45 18.54 -29.23
CA PHE B 270 4.28 19.67 -28.88
C PHE B 270 4.96 20.24 -30.11
N GLU B 271 5.49 21.45 -30.00
CA GLU B 271 6.37 21.98 -31.04
C GLU B 271 7.42 20.91 -31.34
N LYS B 272 7.77 20.77 -32.60
CA LYS B 272 8.70 19.72 -33.01
C LYS B 272 10.07 19.87 -32.32
N LYS B 273 10.52 21.11 -32.11
CA LYS B 273 11.80 21.32 -31.46
C LYS B 273 11.82 20.83 -30.01
N LEU B 274 10.69 20.92 -29.32
CA LEU B 274 10.58 20.38 -27.97
C LEU B 274 10.60 18.84 -28.00
N SER B 275 9.92 18.25 -28.98
CA SER B 275 10.01 16.82 -29.22
C SER B 275 11.46 16.36 -29.39
N SER B 276 12.26 17.14 -30.09
CA SER B 276 13.66 16.80 -30.37
C SER B 276 14.52 16.92 -29.13
N TYR B 277 14.22 17.96 -28.35
CA TYR B 277 14.86 18.16 -27.07
C TYR B 277 14.56 16.97 -26.16
N ALA B 278 13.28 16.54 -26.13
CA ALA B 278 12.85 15.45 -25.27
C ALA B 278 13.54 14.16 -25.65
N GLN B 279 13.57 13.86 -26.92
CA GLN B 279 14.16 12.61 -27.36
C GLN B 279 15.64 12.55 -27.03
N SER B 280 16.36 13.65 -27.28
CA SER B 280 17.79 13.66 -27.01
C SER B 280 18.03 13.46 -25.54
N HIS B 281 17.24 14.12 -24.69
CA HIS B 281 17.35 13.94 -23.24
C HIS B 281 17.09 12.49 -22.82
N LEU B 282 15.96 11.93 -23.26
CA LEU B 282 15.65 10.54 -22.99
C LEU B 282 16.84 9.66 -23.38
N GLU B 283 17.36 9.85 -24.59
CA GLU B 283 18.50 9.04 -25.03
C GLU B 283 19.73 9.30 -24.16
N ASN B 284 19.89 10.53 -23.67
CA ASN B 284 20.98 10.85 -22.73
C ASN B 284 20.89 10.10 -21.42
N THR B 285 19.68 9.82 -20.97
CA THR B 285 19.49 9.11 -19.72
C THR B 285 19.62 7.62 -19.95
N SER B 286 19.86 7.26 -21.21
CA SER B 286 20.15 5.88 -21.63
C SER B 286 18.91 5.11 -22.05
N ILE B 287 17.80 5.83 -22.21
CA ILE B 287 16.59 5.23 -22.73
C ILE B 287 16.77 5.01 -24.24
N LYS B 288 16.36 3.87 -24.73
CA LYS B 288 16.43 3.65 -26.18
C LYS B 288 15.09 3.94 -26.84
N VAL B 289 15.08 4.87 -27.79
CA VAL B 289 13.85 5.27 -28.45
C VAL B 289 13.72 4.66 -29.85
N HIS B 290 12.63 3.92 -30.07
CA HIS B 290 12.36 3.32 -31.37
C HIS B 290 11.19 4.04 -32.04
N LEU B 291 11.50 4.95 -32.96
CA LEU B 291 10.46 5.69 -33.66
C LEU B 291 10.01 4.93 -34.91
N ARG B 292 8.85 5.30 -35.45
CA ARG B 292 8.26 4.65 -36.62
C ARG B 292 8.16 3.15 -36.41
N THR B 293 7.94 2.74 -35.17
CA THR B 293 7.99 1.34 -34.81
C THR B 293 6.68 0.96 -34.16
N ALA B 294 6.16 -0.21 -34.54
CA ALA B 294 4.90 -0.71 -34.04
C ALA B 294 5.10 -2.14 -33.57
N VAL B 295 4.46 -2.50 -32.46
CA VAL B 295 4.52 -3.87 -31.97
C VAL B 295 3.53 -4.74 -32.74
N ALA B 296 4.03 -5.80 -33.37
CA ALA B 296 3.18 -6.64 -34.23
C ALA B 296 2.56 -7.77 -33.42
N LYS B 297 3.32 -8.28 -32.45
CA LYS B 297 2.81 -9.30 -31.55
C LYS B 297 3.64 -9.38 -30.27
N VAL B 298 3.01 -9.83 -29.20
CA VAL B 298 3.66 -9.96 -27.91
C VAL B 298 3.57 -11.41 -27.44
N GLU B 299 4.73 -11.96 -27.11
CA GLU B 299 4.80 -13.28 -26.48
C GLU B 299 5.29 -13.05 -25.06
N GLU B 300 5.35 -14.12 -24.27
CA GLU B 300 5.59 -13.99 -22.83
C GLU B 300 6.94 -13.38 -22.51
N LYS B 301 7.96 -13.75 -23.26
CA LYS B 301 9.31 -13.31 -22.95
C LYS B 301 9.90 -12.41 -24.03
N GLN B 302 9.16 -12.23 -25.12
CA GLN B 302 9.65 -11.37 -26.20
C GLN B 302 8.51 -10.80 -27.05
N LEU B 303 8.84 -9.76 -27.83
CA LEU B 303 7.83 -9.15 -28.69
C LEU B 303 8.41 -8.79 -30.05
N LEU B 304 7.54 -8.67 -31.04
CA LEU B 304 8.00 -8.37 -32.39
C LEU B 304 7.69 -6.92 -32.72
N ALA B 305 8.74 -6.16 -33.02
CA ALA B 305 8.61 -4.76 -33.40
C ALA B 305 8.95 -4.53 -34.86
N LYS B 306 8.08 -3.85 -35.57
CA LYS B 306 8.34 -3.53 -36.97
C LYS B 306 8.50 -2.03 -37.17
N THR B 307 9.51 -1.65 -37.95
CA THR B 307 9.81 -0.25 -38.23
C THR B 307 9.53 0.06 -39.70
N LYS B 308 8.65 1.01 -39.95
CA LYS B 308 8.36 1.47 -41.30
C LYS B 308 9.20 2.71 -41.54
N HIS B 309 10.31 2.52 -42.27
CA HIS B 309 11.24 3.60 -42.55
C HIS B 309 10.67 4.60 -43.54
N GLU B 310 11.28 5.78 -43.60
CA GLU B 310 10.81 6.82 -44.50
C GLU B 310 10.81 6.34 -45.96
N ASP B 311 11.90 5.69 -46.39
CA ASP B 311 12.01 5.19 -47.75
C ASP B 311 10.90 4.19 -48.15
N GLY B 312 10.31 3.51 -47.17
CA GLY B 312 9.18 2.63 -47.42
C GLY B 312 9.38 1.16 -47.06
N LYS B 313 10.61 0.81 -46.71
CA LYS B 313 10.97 -0.55 -46.34
C LYS B 313 10.62 -0.85 -44.89
N ILE B 314 10.42 -2.12 -44.56
CA ILE B 314 10.01 -2.53 -43.23
C ILE B 314 11.06 -3.46 -42.63
N THR B 315 11.59 -3.09 -41.47
CA THR B 315 12.50 -3.96 -40.73
C THR B 315 11.80 -4.47 -39.49
N GLU B 316 12.20 -5.65 -39.03
CA GLU B 316 11.64 -6.17 -37.80
C GLU B 316 12.72 -6.59 -36.81
N GLU B 317 12.39 -6.48 -35.53
CA GLU B 317 13.31 -6.82 -34.46
C GLU B 317 12.56 -7.56 -33.36
N THR B 318 13.09 -8.70 -32.96
CA THR B 318 12.56 -9.41 -31.82
C THR B 318 13.23 -8.82 -30.59
N ILE B 319 12.43 -8.27 -29.68
CA ILE B 319 12.95 -7.63 -28.48
C ILE B 319 12.57 -8.46 -27.26
N PRO B 320 13.56 -9.09 -26.62
CA PRO B 320 13.31 -9.75 -25.33
C PRO B 320 13.02 -8.71 -24.27
N TYR B 321 12.07 -8.97 -23.39
CA TYR B 321 11.70 -7.97 -22.40
C TYR B 321 11.30 -8.69 -21.13
N GLY B 322 11.48 -8.03 -20.00
CA GLY B 322 10.96 -8.56 -18.75
C GLY B 322 9.67 -7.86 -18.31
N THR B 323 9.54 -6.58 -18.66
CA THR B 323 8.38 -5.80 -18.25
C THR B 323 7.88 -5.02 -19.43
N LEU B 324 6.59 -5.19 -19.74
CA LEU B 324 6.01 -4.49 -20.86
C LEU B 324 4.91 -3.58 -20.35
N ILE B 325 5.04 -2.28 -20.63
CA ILE B 325 4.06 -1.31 -20.24
C ILE B 325 3.44 -0.76 -21.49
N TRP B 326 2.12 -0.88 -21.58
CA TRP B 326 1.38 -0.54 -22.78
C TRP B 326 0.64 0.76 -22.54
N ALA B 327 1.24 1.87 -22.93
CA ALA B 327 0.67 3.18 -22.66
C ALA B 327 0.26 3.91 -23.93
N THR B 328 -0.81 3.42 -24.58
CA THR B 328 -1.30 4.04 -25.80
C THR B 328 -2.69 3.55 -26.17
N GLY B 329 -3.46 4.41 -26.84
CA GLY B 329 -4.77 4.04 -27.34
C GLY B 329 -5.83 3.84 -26.27
N ASN B 330 -7.06 4.17 -26.63
CA ASN B 330 -8.21 3.97 -25.75
C ASN B 330 -9.47 3.73 -26.57
N LYS B 331 -10.29 2.80 -26.13
CA LYS B 331 -11.51 2.46 -26.86
C LYS B 331 -12.76 2.60 -26.00
N ALA B 332 -13.88 2.88 -26.66
CA ALA B 332 -15.15 3.01 -25.98
C ALA B 332 -15.49 1.78 -25.15
N ARG B 333 -16.04 2.00 -23.96
CA ARG B 333 -16.44 0.91 -23.11
C ARG B 333 -17.69 0.23 -23.67
N PRO B 334 -17.88 -1.08 -23.36
CA PRO B 334 -19.02 -1.86 -23.85
C PRO B 334 -20.35 -1.22 -23.49
N VAL B 335 -20.48 -0.65 -22.29
CA VAL B 335 -21.77 -0.07 -21.92
C VAL B 335 -22.07 1.13 -22.83
N ILE B 336 -21.04 1.70 -23.43
CA ILE B 336 -21.21 2.85 -24.31
C ILE B 336 -21.50 2.39 -25.74
N THR B 337 -20.79 1.36 -26.22
CA THR B 337 -21.02 0.88 -27.58
C THR B 337 -22.38 0.19 -27.69
N ASP B 338 -22.85 -0.40 -26.59
CA ASP B 338 -24.20 -0.97 -26.54
C ASP B 338 -25.27 0.12 -26.70
N LEU B 339 -25.01 1.27 -26.09
CA LEU B 339 -25.91 2.41 -26.18
C LEU B 339 -25.99 2.93 -27.62
N PHE B 340 -24.86 2.90 -28.34
CA PHE B 340 -24.84 3.26 -29.77
C PHE B 340 -26.04 2.63 -30.48
N LYS B 341 -26.33 1.37 -30.15
CA LYS B 341 -27.32 0.60 -30.91
C LYS B 341 -28.76 0.93 -30.52
N LYS B 342 -28.95 1.54 -29.35
CA LYS B 342 -30.31 1.79 -28.85
C LYS B 342 -30.81 3.19 -29.23
N ILE B 343 -29.91 4.04 -29.68
CA ILE B 343 -30.30 5.38 -30.10
C ILE B 343 -29.98 5.53 -31.58
N PRO B 344 -31.03 5.63 -32.41
CA PRO B 344 -30.86 5.68 -33.86
C PRO B 344 -29.80 6.69 -34.30
N GLU B 345 -29.83 7.91 -33.76
CA GLU B 345 -28.85 8.96 -34.10
C GLU B 345 -27.41 8.61 -33.73
N GLN B 346 -27.24 7.52 -33.00
CA GLN B 346 -25.95 7.18 -32.41
C GLN B 346 -25.34 5.92 -33.03
N ASN B 347 -26.06 5.32 -33.98
CA ASN B 347 -25.62 4.08 -34.61
C ASN B 347 -24.26 4.23 -35.30
N SER B 348 -24.06 5.36 -35.98
CA SER B 348 -22.82 5.62 -36.69
C SER B 348 -21.64 6.03 -35.80
N SER B 349 -21.83 5.98 -34.48
CA SER B 349 -20.75 6.31 -33.55
C SER B 349 -19.76 5.15 -33.39
N LYS B 350 -18.48 5.48 -33.22
CA LYS B 350 -17.46 4.46 -33.07
C LYS B 350 -16.54 4.73 -31.87
N ARG B 351 -16.13 5.98 -31.70
CA ARG B 351 -15.18 6.34 -30.66
C ARG B 351 -15.84 6.73 -29.33
N GLY B 352 -16.99 7.39 -29.41
CA GLY B 352 -17.68 7.85 -28.23
C GLY B 352 -19.06 8.40 -28.57
N LEU B 353 -19.81 8.83 -27.56
CA LEU B 353 -21.13 9.37 -27.82
C LEU B 353 -21.04 10.72 -28.51
N ALA B 354 -21.73 10.84 -29.65
CA ALA B 354 -21.84 12.10 -30.37
C ALA B 354 -22.71 13.04 -29.59
N VAL B 355 -22.18 14.21 -29.26
CA VAL B 355 -22.95 15.22 -28.53
C VAL B 355 -23.09 16.47 -29.36
N ASN B 356 -24.10 17.28 -29.03
CA ASN B 356 -24.30 18.58 -29.67
C ASN B 356 -23.53 19.71 -28.97
N ASP B 357 -23.78 20.95 -29.38
CA ASP B 357 -23.07 22.11 -28.85
C ASP B 357 -23.23 22.21 -27.35
N PHE B 358 -24.19 21.48 -26.81
CA PHE B 358 -24.55 21.62 -25.42
C PHE B 358 -24.21 20.39 -24.59
N LEU B 359 -23.44 19.48 -25.18
CA LEU B 359 -23.00 18.27 -24.50
C LEU B 359 -24.14 17.29 -24.22
N GLN B 360 -25.22 17.43 -24.98
CA GLN B 360 -26.36 16.53 -24.93
C GLN B 360 -26.10 15.41 -25.92
N VAL B 361 -26.35 14.17 -25.51
CA VAL B 361 -26.19 13.04 -26.44
C VAL B 361 -27.23 13.13 -27.56
N LYS B 362 -26.78 13.11 -28.82
CA LYS B 362 -27.72 13.24 -29.93
C LYS B 362 -28.69 12.07 -29.93
N GLY B 363 -29.97 12.35 -30.22
CA GLY B 363 -30.99 11.34 -30.13
C GLY B 363 -31.60 11.27 -28.73
N SER B 364 -31.03 12.05 -27.81
CA SER B 364 -31.53 12.08 -26.44
C SER B 364 -31.77 13.51 -25.96
N ASN B 365 -32.73 13.68 -25.05
CA ASN B 365 -32.97 14.99 -24.45
C ASN B 365 -32.81 14.94 -22.94
N ASN B 366 -32.15 13.89 -22.48
CA ASN B 366 -32.13 13.50 -21.08
C ASN B 366 -30.71 13.17 -20.66
N ILE B 367 -29.91 12.74 -21.63
CA ILE B 367 -28.55 12.23 -21.38
C ILE B 367 -27.49 13.18 -21.90
N PHE B 368 -26.56 13.53 -21.02
CA PHE B 368 -25.41 14.35 -21.37
C PHE B 368 -24.16 13.50 -21.22
N ALA B 369 -23.17 13.72 -22.06
CA ALA B 369 -21.92 12.96 -21.96
C ALA B 369 -20.71 13.88 -22.00
N ILE B 370 -19.74 13.63 -21.12
CA ILE B 370 -18.51 14.42 -21.03
C ILE B 370 -17.33 13.49 -20.80
N GLY B 371 -16.13 13.96 -21.15
CA GLY B 371 -14.93 13.18 -20.95
C GLY B 371 -14.65 12.26 -22.13
N ASP B 372 -13.82 11.26 -21.90
CA ASP B 372 -13.44 10.32 -22.94
C ASP B 372 -14.63 9.54 -23.53
N ASN B 373 -15.75 9.44 -22.82
CA ASN B 373 -16.86 8.66 -23.40
C ASN B 373 -17.73 9.44 -24.38
N ALA B 374 -17.38 10.71 -24.59
CA ALA B 374 -18.05 11.55 -25.58
C ALA B 374 -17.09 11.93 -26.68
N PHE B 375 -17.63 12.10 -27.88
CA PHE B 375 -16.86 12.56 -29.02
C PHE B 375 -17.43 13.89 -29.50
N ALA B 376 -16.63 14.94 -29.43
CA ALA B 376 -17.04 16.26 -29.87
C ALA B 376 -15.91 16.92 -30.65
N GLY B 377 -14.99 16.10 -31.15
CA GLY B 377 -13.90 16.58 -31.98
C GLY B 377 -12.68 16.98 -31.17
N LEU B 378 -12.85 17.01 -29.85
CA LEU B 378 -11.78 17.41 -28.93
C LEU B 378 -10.86 16.25 -28.55
N PRO B 379 -9.60 16.57 -28.18
CA PRO B 379 -8.68 15.53 -27.73
C PRO B 379 -9.24 14.87 -26.47
N PRO B 380 -8.84 13.62 -26.20
CA PRO B 380 -9.27 12.92 -24.99
C PRO B 380 -8.30 13.21 -23.83
N THR B 381 -8.55 14.28 -23.09
CA THR B 381 -7.68 14.70 -21.99
C THR B 381 -8.49 15.09 -20.76
N ALA B 382 -7.83 15.10 -19.61
CA ALA B 382 -8.47 15.53 -18.38
C ALA B 382 -8.86 16.98 -18.56
N GLN B 383 -8.01 17.70 -19.27
CA GLN B 383 -8.18 19.11 -19.48
C GLN B 383 -9.52 19.39 -20.16
N VAL B 384 -9.84 18.63 -21.20
CA VAL B 384 -11.13 18.78 -21.84
C VAL B 384 -12.27 18.29 -20.95
N ALA B 385 -12.06 17.16 -20.28
CA ALA B 385 -13.10 16.61 -19.40
C ALA B 385 -13.47 17.58 -18.30
N HIS B 386 -12.45 18.20 -17.70
CA HIS B 386 -12.66 19.13 -16.61
C HIS B 386 -13.46 20.37 -17.06
N GLN B 387 -13.14 20.91 -18.24
CA GLN B 387 -13.86 22.08 -18.76
C GLN B 387 -15.29 21.76 -19.18
N GLU B 388 -15.52 20.57 -19.73
CA GLU B 388 -16.88 20.19 -20.13
C GLU B 388 -17.76 20.15 -18.89
N ALA B 389 -17.20 19.58 -17.83
CA ALA B 389 -17.91 19.39 -16.60
C ALA B 389 -18.31 20.71 -15.98
N GLU B 390 -17.35 21.62 -15.84
CA GLU B 390 -17.62 22.88 -15.21
C GLU B 390 -18.66 23.62 -16.04
N TYR B 391 -18.54 23.49 -17.37
CA TYR B 391 -19.49 24.08 -18.28
C TYR B 391 -20.89 23.52 -18.09
N LEU B 392 -20.99 22.20 -18.03
CA LEU B 392 -22.30 21.56 -17.95
C LEU B 392 -22.97 21.89 -16.62
N ALA B 393 -22.19 21.86 -15.55
CA ALA B 393 -22.71 22.16 -14.22
C ALA B 393 -23.29 23.57 -14.19
N LYS B 394 -22.64 24.50 -14.89
CA LYS B 394 -23.12 25.86 -14.95
C LYS B 394 -24.44 25.94 -15.71
N ASN B 395 -24.54 25.19 -16.80
CA ASN B 395 -25.80 25.06 -17.51
C ASN B 395 -26.90 24.57 -16.58
N PHE B 396 -26.56 23.63 -15.70
CA PHE B 396 -27.54 23.10 -14.75
C PHE B 396 -28.00 24.16 -13.75
N ASP B 397 -27.14 25.13 -13.47
CA ASP B 397 -27.52 26.30 -12.68
C ASP B 397 -28.58 27.14 -13.41
N LYS B 398 -28.40 27.33 -14.72
CA LYS B 398 -29.36 28.11 -15.52
C LYS B 398 -30.68 27.39 -15.70
N MET B 399 -30.62 26.10 -15.97
CA MET B 399 -31.83 25.29 -16.17
C MET B 399 -32.74 25.35 -14.95
N ALA B 400 -32.13 25.41 -13.77
CA ALA B 400 -32.88 25.41 -12.50
C ALA B 400 -33.58 26.74 -12.22
N GLN B 401 -33.37 27.72 -13.09
CA GLN B 401 -34.00 29.02 -12.93
C GLN B 401 -35.03 29.24 -14.04
N ILE B 402 -35.04 28.32 -15.00
CA ILE B 402 -36.01 28.35 -16.08
C ILE B 402 -37.07 27.27 -15.87
N PRO B 403 -38.25 27.69 -15.39
CA PRO B 403 -39.38 26.84 -15.00
C PRO B 403 -39.71 25.74 -16.02
N ASN B 404 -39.59 26.06 -17.31
CA ASN B 404 -39.93 25.12 -18.38
C ASN B 404 -39.08 23.85 -18.39
N PHE B 405 -37.77 24.00 -18.18
CA PHE B 405 -36.86 22.85 -18.17
C PHE B 405 -37.36 21.74 -17.26
N GLN B 406 -37.68 22.11 -16.03
CA GLN B 406 -38.34 21.23 -15.09
C GLN B 406 -39.48 20.46 -15.76
N LYS B 407 -40.40 21.19 -16.39
CA LYS B 407 -41.59 20.57 -17.01
C LYS B 407 -41.32 19.93 -18.37
N ASN B 408 -41.00 20.74 -19.38
CA ASN B 408 -40.77 20.23 -20.74
C ASN B 408 -39.53 19.34 -20.86
N LEU B 418 -34.29 22.22 -27.88
CA LEU B 418 -34.83 23.51 -28.30
C LEU B 418 -34.73 24.57 -27.20
N LEU B 419 -35.07 24.18 -25.98
CA LEU B 419 -34.99 25.08 -24.83
C LEU B 419 -33.62 25.77 -24.78
N PHE B 420 -32.58 25.04 -25.16
CA PHE B 420 -31.23 25.58 -25.11
C PHE B 420 -31.05 26.73 -26.10
N GLU B 421 -31.38 26.49 -27.37
CA GLU B 421 -31.34 27.55 -28.37
C GLU B 421 -32.20 28.74 -27.91
N GLU B 422 -33.44 28.43 -27.53
CA GLU B 422 -34.41 29.45 -27.14
C GLU B 422 -33.96 30.37 -26.01
N ASN B 423 -33.37 29.79 -24.98
CA ASN B 423 -32.96 30.56 -23.80
C ASN B 423 -31.54 31.11 -23.92
N ASN B 424 -31.00 31.10 -25.13
CA ASN B 424 -29.70 31.71 -25.38
C ASN B 424 -28.61 31.18 -24.47
N PHE B 425 -28.57 29.86 -24.31
CA PHE B 425 -27.42 29.18 -23.72
C PHE B 425 -26.31 29.25 -24.75
N LYS B 426 -25.07 29.37 -24.29
CA LYS B 426 -23.95 29.40 -25.22
C LYS B 426 -23.37 27.99 -25.37
N PRO B 427 -22.97 27.64 -26.60
CA PRO B 427 -22.31 26.36 -26.86
C PRO B 427 -21.04 26.19 -26.03
N PHE B 428 -20.66 24.95 -25.80
CA PHE B 428 -19.42 24.70 -25.08
C PHE B 428 -18.24 25.09 -25.96
N LYS B 429 -17.28 25.80 -25.37
CA LYS B 429 -16.10 26.25 -26.10
C LYS B 429 -14.84 25.89 -25.34
N TYR B 430 -14.09 24.92 -25.87
CA TYR B 430 -12.88 24.45 -25.22
C TYR B 430 -11.74 25.46 -25.39
N ASN B 431 -11.05 25.74 -24.29
CA ASN B 431 -9.89 26.63 -24.30
C ASN B 431 -8.62 25.86 -23.97
N ASP B 432 -7.87 25.51 -25.01
CA ASP B 432 -6.64 24.75 -24.83
C ASP B 432 -5.63 25.54 -24.00
N LEU B 433 -5.36 25.03 -22.80
CA LEU B 433 -4.48 25.70 -21.86
C LEU B 433 -3.02 25.24 -21.98
N GLY B 434 -2.76 24.21 -22.78
CA GLY B 434 -1.40 23.77 -23.05
C GLY B 434 -1.08 22.33 -22.66
N ALA B 435 0.21 22.05 -22.46
CA ALA B 435 0.65 20.68 -22.23
C ALA B 435 1.96 20.63 -21.47
N LEU B 436 2.22 19.54 -20.75
CA LEU B 436 3.47 19.36 -20.04
C LEU B 436 3.91 17.90 -20.02
N ALA B 437 5.21 17.66 -20.09
CA ALA B 437 5.72 16.29 -20.03
C ALA B 437 7.03 16.24 -19.24
N TYR B 438 7.07 15.42 -18.20
CA TYR B 438 8.30 15.18 -17.45
C TYR B 438 9.12 14.14 -18.21
N LEU B 439 10.44 14.31 -18.23
CA LEU B 439 11.29 13.49 -19.09
C LEU B 439 12.32 12.69 -18.31
N GLY B 440 12.19 12.69 -16.99
CA GLY B 440 13.19 12.06 -16.13
C GLY B 440 14.38 12.98 -15.87
N SER B 441 15.18 12.66 -14.85
CA SER B 441 16.33 13.48 -14.46
C SER B 441 16.01 14.99 -14.40
N GLU B 442 14.93 15.38 -13.75
CA GLU B 442 14.67 16.79 -13.47
C GLU B 442 14.66 17.69 -14.70
N ARG B 443 14.17 17.17 -15.83
CA ARG B 443 13.92 18.03 -16.98
C ARG B 443 12.47 17.84 -17.39
N ALA B 444 11.86 18.90 -17.91
CA ALA B 444 10.54 18.79 -18.48
C ALA B 444 10.41 19.68 -19.69
N ILE B 445 9.37 19.46 -20.48
CA ILE B 445 8.94 20.43 -21.49
C ILE B 445 7.55 20.94 -21.15
N ALA B 446 7.25 22.18 -21.51
CA ALA B 446 5.94 22.74 -21.22
C ALA B 446 5.58 23.84 -22.17
N THR B 447 4.29 23.91 -22.49
CA THR B 447 3.77 25.01 -23.27
C THR B 447 2.47 25.41 -22.62
N ILE B 448 2.44 26.61 -22.06
CA ILE B 448 1.26 27.14 -21.40
C ILE B 448 0.61 28.24 -22.25
N ARG B 449 -0.69 28.14 -22.48
CA ARG B 449 -1.36 29.13 -23.30
C ARG B 449 -2.81 29.35 -22.88
N SER B 450 -3.46 30.26 -23.57
CA SER B 450 -4.89 30.48 -23.45
C SER B 450 -5.31 31.29 -24.65
N GLY B 451 -6.33 30.83 -25.35
CA GLY B 451 -6.70 31.47 -26.60
C GLY B 451 -5.56 31.35 -27.60
N LYS B 452 -5.25 32.45 -28.28
CA LYS B 452 -4.17 32.45 -29.25
C LYS B 452 -2.84 32.82 -28.62
N ARG B 453 -2.87 33.14 -27.33
CA ARG B 453 -1.67 33.61 -26.63
C ARG B 453 -0.84 32.48 -26.01
N THR B 454 0.46 32.48 -26.29
CA THR B 454 1.39 31.57 -25.62
C THR B 454 2.14 32.31 -24.52
N PHE B 455 2.09 31.79 -23.29
CA PHE B 455 2.67 32.49 -22.14
C PHE B 455 4.01 31.89 -21.75
N TYR B 456 4.25 30.67 -22.20
CA TYR B 456 5.45 29.94 -21.80
C TYR B 456 5.60 28.77 -22.73
N THR B 457 6.80 28.58 -23.25
CA THR B 457 7.04 27.42 -24.10
C THR B 457 8.53 27.09 -24.18
N GLY B 458 8.91 25.98 -23.57
CA GLY B 458 10.32 25.62 -23.56
C GLY B 458 10.56 24.37 -22.76
N GLY B 459 11.83 24.03 -22.59
CA GLY B 459 12.18 22.85 -21.83
C GLY B 459 13.39 23.13 -20.95
N GLY B 460 13.57 22.31 -19.91
CA GLY B 460 14.72 22.49 -19.04
C GLY B 460 14.47 22.23 -17.57
N LEU B 461 15.45 22.65 -16.77
CA LEU B 461 15.45 22.48 -15.33
C LEU B 461 14.28 23.23 -14.70
N MET B 462 14.18 24.52 -14.98
CA MET B 462 13.11 25.33 -14.39
C MET B 462 11.77 24.81 -14.85
N THR B 463 11.69 24.35 -16.09
CA THR B 463 10.45 23.78 -16.59
C THR B 463 10.00 22.61 -15.71
N PHE B 464 10.96 21.85 -15.19
CA PHE B 464 10.62 20.75 -14.28
C PHE B 464 10.01 21.22 -12.97
N TYR B 465 10.52 22.32 -12.43
CA TYR B 465 9.91 22.91 -11.24
C TYR B 465 8.52 23.45 -11.56
N LEU B 466 8.35 24.00 -12.76
CA LEU B 466 7.04 24.45 -13.20
C LEU B 466 6.06 23.28 -13.31
N TRP B 467 6.53 22.15 -13.85
CA TRP B 467 5.76 20.93 -13.96
C TRP B 467 5.20 20.56 -12.58
N ARG B 468 6.09 20.55 -11.59
CA ARG B 468 5.68 20.21 -10.23
C ARG B 468 4.63 21.17 -9.67
N ILE B 469 4.91 22.46 -9.74
CA ILE B 469 3.98 23.47 -9.22
C ILE B 469 2.61 23.42 -9.92
N LEU B 470 2.63 23.34 -11.24
CA LEU B 470 1.38 23.27 -12.01
C LEU B 470 0.56 22.01 -11.68
N TYR B 471 1.21 20.86 -11.64
CA TYR B 471 0.49 19.64 -11.30
C TYR B 471 -0.11 19.68 -9.89
N LEU B 472 0.65 20.24 -8.94
CA LEU B 472 0.24 20.29 -7.55
C LEU B 472 -0.99 21.19 -7.47
N SER B 473 -1.06 22.15 -8.37
CA SER B 473 -2.16 23.11 -8.32
C SER B 473 -3.39 22.61 -9.05
N MET B 474 -3.21 21.60 -9.89
CA MET B 474 -4.33 21.00 -10.63
C MET B 474 -5.07 19.92 -9.85
N ILE B 475 -4.46 19.43 -8.77
CA ILE B 475 -5.06 18.36 -7.98
C ILE B 475 -6.37 18.85 -7.33
N LEU B 476 -7.39 17.99 -7.28
CA LEU B 476 -8.73 18.42 -6.93
C LEU B 476 -9.07 18.47 -5.44
N SER B 477 -8.16 17.99 -4.59
CA SER B 477 -8.45 17.95 -3.14
C SER B 477 -7.25 18.35 -2.30
N ALA B 478 -7.50 19.06 -1.20
CA ALA B 478 -6.45 19.51 -0.30
C ALA B 478 -5.63 18.34 0.23
N ARG B 479 -6.29 17.25 0.61
CA ARG B 479 -5.62 16.07 1.15
C ARG B 479 -4.63 15.49 0.14
N SER B 480 -5.12 15.21 -1.06
CA SER B 480 -4.24 14.65 -2.09
C SER B 480 -3.06 15.59 -2.36
N ARG B 481 -3.35 16.88 -2.42
CA ARG B 481 -2.30 17.89 -2.63
C ARG B 481 -1.21 17.82 -1.54
N LEU B 482 -1.62 17.74 -0.28
CA LEU B 482 -0.66 17.67 0.83
C LEU B 482 0.18 16.38 0.75
N LYS B 483 -0.48 15.26 0.44
CA LYS B 483 0.21 13.97 0.35
C LYS B 483 1.25 13.93 -0.76
N VAL B 484 0.89 14.47 -1.92
CA VAL B 484 1.87 14.56 -3.01
C VAL B 484 3.05 15.45 -2.60
N PHE B 485 2.74 16.62 -2.03
CA PHE B 485 3.75 17.51 -1.46
C PHE B 485 4.70 16.81 -0.46
N PHE B 486 4.14 16.08 0.52
CA PHE B 486 4.96 15.29 1.45
C PHE B 486 5.80 14.25 0.69
N ASP B 487 5.23 13.59 -0.31
CA ASP B 487 5.99 12.59 -1.09
C ASP B 487 7.21 13.20 -1.77
N TRP B 488 7.04 14.38 -2.36
CA TRP B 488 8.14 15.07 -3.03
C TRP B 488 9.19 15.58 -2.05
N ILE B 489 8.77 15.89 -0.83
CA ILE B 489 9.71 16.34 0.21
C ILE B 489 10.55 15.18 0.70
N LYS B 490 9.89 14.06 0.96
CA LYS B 490 10.58 12.85 1.39
C LYS B 490 11.62 12.48 0.33
N LEU B 491 11.26 12.63 -0.93
CA LEU B 491 12.14 12.31 -2.04
C LEU B 491 13.42 13.13 -2.07
N ALA B 492 13.42 14.31 -1.46
CA ALA B 492 14.63 15.12 -1.43
C ALA B 492 15.66 14.58 -0.42
N PHE B 493 15.20 13.71 0.49
CA PHE B 493 16.07 13.21 1.57
C PHE B 493 16.31 11.71 1.51
N PHE B 494 15.33 10.98 0.96
CA PHE B 494 15.39 9.53 0.99
C PHE B 494 15.07 8.90 -0.37
N LYS B 495 15.45 7.66 -0.54
CA LYS B 495 15.10 6.87 -1.71
C LYS B 495 13.59 6.62 -1.76
N ARG B 496 13.10 6.35 -2.96
CA ARG B 496 11.71 5.99 -3.21
C ARG B 496 11.38 4.67 -2.54
N ASP B 497 10.15 4.56 -2.02
CA ASP B 497 9.66 3.27 -1.55
C ASP B 497 9.38 2.38 -2.75
N PHE B 498 10.06 1.26 -2.81
CA PHE B 498 9.82 0.33 -3.90
C PHE B 498 9.58 -1.06 -3.36
N PHE B 499 8.46 -1.24 -2.66
CA PHE B 499 8.15 -2.55 -2.08
C PHE B 499 7.40 -3.43 -3.07
N LYS B 500 7.96 -4.60 -3.33
CA LYS B 500 7.39 -5.58 -4.25
C LYS B 500 5.88 -5.78 -4.08
N GLY B 501 5.43 -5.96 -2.85
CA GLY B 501 4.03 -6.26 -2.61
C GLY B 501 3.37 -5.41 -1.55
N LEU B 502 3.39 -4.10 -1.76
CA LEU B 502 2.79 -3.17 -0.81
C LEU B 502 2.55 -1.83 -1.50
C16 TRT C . -2.55 17.38 16.36
O15 TRT C . -1.48 17.76 15.49
C12 TRT C . -0.23 17.25 15.70
C13 TRT C . 0.37 17.36 16.95
C14 TRT C . 1.64 16.86 17.16
C11 TRT C . 0.45 16.64 14.66
C10 TRT C . 1.72 16.13 14.87
C9 TRT C . 2.33 16.23 16.12
C6 TRT C . 3.70 15.69 16.36
C8 TRT C . 4.60 16.14 15.22
C7 TRT C . 3.62 14.16 16.39
C5 TRT C . 4.21 16.21 17.69
C1 TRT C . 3.61 15.38 18.82
C2 TRT C . 4.39 14.08 18.97
C4 TRT C . 2.15 15.08 18.53
C3 TRT C . 3.70 16.17 20.11
C20 TRT D . 15.32 2.35 20.73
C19 TRT D . 14.94 1.79 22.09
O18 TRT D . 13.53 1.56 22.12
C17 TRT D . 13.22 0.19 22.36
C16 TRT D . 11.84 -0.12 21.80
O15 TRT D . 10.94 -0.41 22.87
C12 TRT D . 10.75 0.52 23.86
C13 TRT D . 9.52 0.63 24.48
C14 TRT D . 9.32 1.57 25.48
C11 TRT D . 11.79 1.36 24.23
C10 TRT D . 11.60 2.30 25.24
C9 TRT D . 10.36 2.41 25.86
C6 TRT D . 10.16 3.43 26.94
C8 TRT D . 9.16 2.87 27.95
C7 TRT D . 9.62 4.71 26.31
C5 TRT D . 11.49 3.70 27.62
C1 TRT D . 12.01 5.06 27.21
C2 TRT D . 10.97 6.13 27.51
C4 TRT D . 12.34 5.07 25.73
C3 TRT D . 13.27 5.37 28.00
PA FAD E . 11.10 -9.55 15.73
O1A FAD E . 9.67 -10.04 15.57
O2A FAD E . 11.25 -8.07 15.92
O5B FAD E . 11.98 -9.99 14.47
C5B FAD E . 12.00 -11.32 14.03
C4B FAD E . 12.61 -11.34 12.65
O4B FAD E . 12.86 -12.67 12.28
C3B FAD E . 11.63 -10.81 11.63
O3B FAD E . 12.38 -10.06 10.71
C2B FAD E . 11.11 -12.05 10.95
O2B FAD E . 10.76 -11.72 9.64
C1B FAD E . 12.36 -12.89 10.98
N9A FAD E . 12.14 -14.33 10.80
C8A FAD E . 11.03 -15.07 11.13
N7A FAD E . 11.29 -16.36 10.82
C5A FAD E . 12.55 -16.46 10.32
C6A FAD E . 13.31 -17.52 9.85
N6A FAD E . 12.84 -18.76 9.90
N1A FAD E . 14.59 -17.28 9.40
C2A FAD E . 15.11 -16.00 9.41
N3A FAD E . 14.35 -14.96 9.87
C4A FAD E . 13.09 -15.19 10.31
N1 FAD E . 7.58 -4.43 22.63
C2 FAD E . 7.86 -3.32 23.40
O2 FAD E . 8.81 -3.30 24.16
N3 FAD E . 7.05 -2.22 23.32
C4 FAD E . 5.96 -2.22 22.49
O4 FAD E . 5.24 -1.24 22.41
C4X FAD E . 5.67 -3.32 21.71
N5 FAD E . 4.56 -3.30 20.87
C5X FAD E . 4.31 -4.41 20.08
C6 FAD E . 3.22 -4.39 19.22
C7 FAD E . 2.94 -5.49 18.43
C7M FAD E . 1.75 -5.44 17.52
C8 FAD E . 3.76 -6.62 18.49
C8M FAD E . 3.46 -7.82 17.63
C9 FAD E . 4.86 -6.64 19.35
C9A FAD E . 5.14 -5.53 20.14
N10 FAD E . 6.23 -5.53 21.01
C10 FAD E . 6.50 -4.43 21.78
C1' FAD E . 7.14 -6.71 21.14
C2' FAD E . 8.34 -6.61 20.23
O2' FAD E . 7.88 -6.30 18.94
C3' FAD E . 9.00 -7.97 20.26
O3' FAD E . 9.35 -8.31 21.58
C4' FAD E . 10.23 -7.93 19.36
O4' FAD E . 9.78 -8.18 18.06
C5' FAD E . 11.25 -8.99 19.71
O5' FAD E . 12.30 -8.74 18.82
P FAD E . 12.87 -9.94 17.95
O1P FAD E . 14.06 -9.38 17.21
O2P FAD E . 13.22 -11.07 18.87
O3P FAD E . 11.70 -10.41 16.96
MG MG F . 14.44 -13.53 18.50
MG MG G . 15.32 -9.66 14.86
MG MG H . 10.37 -6.11 13.99
MG MG I . 8.59 -11.98 17.51
C20 TRT J . 13.98 13.06 9.83
C19 TRT J . 14.10 13.77 8.49
O18 TRT J . 15.45 14.18 8.29
C17 TRT J . 15.55 15.21 7.31
C16 TRT J . 14.15 15.66 6.91
O15 TRT J . 13.89 16.95 7.48
C12 TRT J . 12.76 17.64 7.12
C13 TRT J . 12.81 18.58 6.10
C14 TRT J . 11.67 19.28 5.75
C11 TRT J . 11.57 17.40 7.79
C10 TRT J . 10.42 18.10 7.43
C9 TRT J . 10.47 19.04 6.40
C6 TRT J . 9.24 19.80 6.02
C8 TRT J . 8.81 19.38 4.62
C7 TRT J . 9.53 21.29 6.06
C5 TRT J . 8.13 19.46 7.02
C1 TRT J . 6.88 20.29 6.70
C2 TRT J . 6.96 21.37 5.62
C4 TRT J . 5.68 20.23 7.64
C3 TRT J . 7.44 21.33 7.65
C20 TRT K . 3.09 21.52 6.48
C19 TRT K . 1.75 21.89 7.10
O18 TRT K . 0.79 22.12 6.07
C17 TRT K . -0.45 21.47 6.35
C16 TRT K . -1.60 22.37 5.93
O15 TRT K . -2.25 21.80 4.80
C12 TRT K . -3.58 22.05 4.55
C13 TRT K . -3.94 23.00 3.61
C14 TRT K . -5.29 23.26 3.37
C11 TRT K . -4.55 21.36 5.27
C10 TRT K . -5.89 21.63 5.03
C9 TRT K . -6.26 22.57 4.08
C6 TRT K . -7.72 22.84 3.82
C8 TRT K . -7.91 23.08 2.33
C7 TRT K . -8.12 24.08 4.61
C5 TRT K . -8.52 21.63 4.28
C1 TRT K . -9.57 21.29 3.22
C2 TRT K . -10.11 22.39 2.29
C4 TRT K . -10.32 19.96 3.31
C3 TRT K . -10.59 21.81 4.23
C20 TRT L . 18.05 16.47 -5.78
C19 TRT L . 17.45 17.05 -4.51
O18 TRT L . 16.05 17.26 -4.69
C17 TRT L . 15.67 18.61 -4.45
C16 TRT L . 14.19 18.78 -4.75
O15 TRT L . 13.54 19.35 -3.61
C12 TRT L . 12.21 19.68 -3.67
C13 TRT L . 11.74 20.46 -4.72
C14 TRT L . 10.39 20.79 -4.78
C11 TRT L . 11.34 19.24 -2.69
C10 TRT L . 9.99 19.57 -2.75
C9 TRT L . 9.52 20.35 -3.80
C6 TRT L . 8.07 20.71 -3.86
C8 TRT L . 7.37 20.20 -2.62
C7 TRT L . 7.46 20.08 -5.11
C5 TRT L . 7.95 22.23 -3.94
C1 TRT L . 7.90 22.66 -5.40
C2 TRT L . 8.22 24.15 -5.51
C4 TRT L . 6.51 22.40 -5.98
C3 TRT L . 8.93 21.87 -6.20
C20 TRT M . -7.22 24.39 -14.25
C19 TRT M . -7.57 22.98 -13.79
O18 TRT M . -6.96 22.03 -14.68
C17 TRT M . -7.42 20.71 -14.44
C16 TRT M . -7.49 19.95 -15.75
O15 TRT M . -6.21 19.38 -16.04
C12 TRT M . -5.24 20.14 -16.63
C13 TRT M . -5.14 21.50 -16.34
C14 TRT M . -4.15 22.26 -16.94
C11 TRT M . -4.35 19.56 -17.52
C10 TRT M . -3.36 20.33 -18.13
C9 TRT M . -3.26 21.68 -17.83
C6 TRT M . -2.19 22.51 -18.48
C8 TRT M . -2.82 23.39 -19.55
C7 TRT M . -1.16 21.58 -19.10
C5 TRT M . -1.53 23.37 -17.41
C1 TRT M . -2.39 24.59 -17.12
C2 TRT M . -3.78 24.40 -17.72
C4 TRT M . -1.75 25.83 -17.72
C3 TRT M . -2.53 24.78 -15.62
MG MG N . 7.01 -10.33 -17.77
MG MG O . -22.74 17.63 3.82
PA FAD P . -11.86 8.92 -16.27
O1A FAD P . -11.01 7.76 -16.69
O2A FAD P . -11.07 10.03 -15.59
O5B FAD P . -13.02 8.43 -15.29
C5B FAD P . -13.81 7.35 -15.71
C4B FAD P . -14.58 6.92 -14.48
O4B FAD P . -15.60 6.02 -14.88
C3B FAD P . -13.69 6.17 -13.53
O3B FAD P . -14.11 6.51 -12.23
C2B FAD P . -14.05 4.73 -13.79
O2B FAD P . -13.82 3.91 -12.67
C1B FAD P . -15.54 4.89 -14.05
N9A FAD P . -16.14 3.76 -14.75
C8A FAD P . -15.56 2.87 -15.62
N7A FAD P . -16.51 2.00 -16.04
C5A FAD P . -17.69 2.34 -15.47
C6A FAD P . -18.97 1.82 -15.53
N6A FAD P . -19.27 0.83 -16.37
N1A FAD P . -19.98 2.40 -14.81
C2A FAD P . -19.74 3.51 -14.02
N3A FAD P . -18.47 4.02 -13.95
C4A FAD P . -17.46 3.45 -14.66
N1 FAD P . -4.91 14.25 -19.54
C2 FAD P . -4.40 15.54 -19.48
O2 FAD P . -5.05 16.49 -19.90
N3 FAD P . -3.16 15.77 -18.93
C4 FAD P . -2.41 14.72 -18.45
O4 FAD P . -1.30 14.94 -17.98
C4X FAD P . -2.90 13.43 -18.50
N5 FAD P . -2.15 12.37 -18.02
C5X FAD P . -2.67 11.10 -18.06
C6 FAD P . -1.91 10.04 -17.55
C7 FAD P . -2.42 8.75 -17.60
C7M FAD P . -1.61 7.60 -17.06
C8 FAD P . -3.68 8.51 -18.14
C8M FAD P . -4.22 7.11 -18.18
C9 FAD P . -4.44 9.57 -18.64
C9A FAD P . -3.92 10.86 -18.60
N10 FAD P . -4.67 11.92 -19.09
C10 FAD P . -4.16 13.21 -19.05
C1' FAD P . -6.02 11.72 -19.70
C2' FAD P . -7.12 11.86 -18.69
O2' FAD P . -6.82 10.99 -17.64
C3' FAD P . -8.41 11.39 -19.35
O3' FAD P . -8.68 12.09 -20.53
C4' FAD P . -9.54 11.59 -18.37
O4' FAD P . -9.59 10.46 -17.54
C5' FAD P . -10.89 11.69 -19.04
O5' FAD P . -11.80 11.88 -18.00
P FAD P . -13.10 10.93 -17.87
O1P FAD P . -13.92 11.47 -16.74
O2P FAD P . -13.80 10.97 -19.22
O3P FAD P . -12.65 9.42 -17.58
MG MG Q . -16.22 9.86 -20.03
MG MG R . -15.54 10.66 -14.82
MG MG S . -9.69 9.76 -13.01
MG MG T . -10.73 7.17 -19.53
#